data_4MSF
#
_entry.id   4MSF
#
_cell.length_a   53.766
_cell.length_b   80.356
_cell.length_c   75.760
_cell.angle_alpha   90.00
_cell.angle_beta   102.71
_cell.angle_gamma   90.00
#
_symmetry.space_group_name_H-M   'P 1 21 1'
#
loop_
_entity.id
_entity.type
_entity.pdbx_description
1 polymer Lactoperoxidase
2 non-polymer 'PROTOPORPHYRIN IX CONTAINING FE'
3 non-polymer 'CALCIUM ION'
4 non-polymer 2-acetamido-2-deoxy-beta-D-glucopyranose
5 non-polymer 'IODIDE ION'
6 non-polymer 'THIOCYANATE ION'
7 non-polymer DI(HYDROXYETHYL)ETHER
8 non-polymer 1,2-ETHANEDIOL
9 non-polymer 3-(hydroxymethyl)phenol
10 water water
#
_entity_poly.entity_id   1
_entity_poly.type   'polypeptide(L)'
_entity_poly.pdbx_seq_one_letter_code
;SWEVGCGAPVPLVTCDEQSPYRTITGDCNNRRSPALGAANRALARWLPAEYEDGLAVPFGWTQRKTRNGFRVPLAREVSN
KIVGYLDEEGVLDQNRSLLFMQWGQIVDHDLDFAPETELGSSEHSKVQCEEYCVQGDECFPIMFPKNDPKLKTQGKCMPF
FRAGFVCPTPPYQSLARDQINAVTSFLDASLVYGSEP(SEP)LASRLRNLSSPLGLMAVNQEAWDHGLAYPPFNNVKPSP
CEFINTTAHVPCFQAGDSRASEQILLATVHTLLLREHNRLARELKRLNPHWDGEMLYQEARKILGAFIQIITFRDYLPIV
LGSEMQKWIPPYQGYNNSVDPRISNVFTFAFRFGHMEVPSTVSRLDENYQPWGPEAELPLHTLFFNTWRIIKDGGIDPLV
RGLLAKNSKLMNQNKMVTSELRNKLFQPTHKVHGFDLAAINLQRCRDHGMPGYNSWRGFCGLSQPKTLKGLQAVLKNKVL
AKKLLDLYKTPDNIDIWIGGNAEPMVERGRVGPLLACLLGRQFQQIRDGDRFWWENPGVFTEKQRDSLQKVSFSRLICDN
THITKVPLHAFQANNYPHDFVDCSAVDKLDLSPWASREN
;
_entity_poly.pdbx_strand_id   A
#
loop_
_chem_comp.id
_chem_comp.type
_chem_comp.name
_chem_comp.formula
3HY non-polymer 3-(hydroxymethyl)phenol 'C7 H8 O2'
CA non-polymer 'CALCIUM ION' 'Ca 2'
EDO non-polymer 1,2-ETHANEDIOL 'C2 H6 O2'
HEM non-polymer 'PROTOPORPHYRIN IX CONTAINING FE' 'C34 H32 Fe N4 O4'
IOD non-polymer 'IODIDE ION' 'I -1'
NAG D-saccharide, beta linking 2-acetamido-2-deoxy-beta-D-glucopyranose 'C8 H15 N O6'
PEG non-polymer DI(HYDROXYETHYL)ETHER 'C4 H10 O3'
SCN non-polymer 'THIOCYANATE ION' 'C N S -1'
#
# COMPACT_ATOMS: atom_id res chain seq x y z
N SER A 1 16.83 23.54 3.51
CA SER A 1 17.76 22.73 2.67
C SER A 1 19.20 23.19 2.87
N TRP A 2 19.87 22.61 3.86
CA TRP A 2 21.24 23.01 4.22
C TRP A 2 22.06 23.13 2.96
N GLU A 3 22.21 22.02 2.23
CA GLU A 3 22.70 22.10 0.86
C GLU A 3 21.51 22.49 0.01
N VAL A 4 21.76 23.36 -0.97
CA VAL A 4 20.69 23.82 -1.86
C VAL A 4 20.10 22.65 -2.66
N GLY A 5 20.79 21.51 -2.70
CA GLY A 5 20.22 20.26 -3.23
C GLY A 5 21.12 19.03 -3.11
N CYS A 6 20.84 18.16 -2.12
CA CYS A 6 21.54 16.86 -1.99
C CYS A 6 20.96 15.86 -2.99
N GLY A 7 21.83 15.39 -3.90
CA GLY A 7 21.44 14.40 -4.91
C GLY A 7 22.64 13.68 -5.54
N ALA A 8 23.33 12.86 -4.74
CA ALA A 8 24.48 12.09 -5.21
C ALA A 8 24.07 10.77 -5.88
N PRO A 9 23.08 10.10 -5.31
CA PRO A 9 22.49 8.92 -5.96
C PRO A 9 21.86 9.33 -7.30
N VAL A 10 22.01 8.49 -8.31
CA VAL A 10 21.66 8.83 -9.69
C VAL A 10 21.03 10.23 -9.85
N PRO A 11 21.87 11.23 -10.21
CA PRO A 11 21.33 12.48 -10.73
C PRO A 11 21.03 12.40 -12.23
N LEU A 12 21.43 11.30 -12.86
CA LEU A 12 21.37 11.15 -14.31
C LEU A 12 20.09 10.46 -14.82
N VAL A 13 19.78 10.78 -16.09
CA VAL A 13 18.74 10.13 -16.94
C VAL A 13 18.36 11.16 -18.03
N THR A 14 18.69 10.85 -19.29
CA THR A 14 18.33 11.71 -20.41
C THR A 14 16.81 11.70 -20.58
N CYS A 15 16.21 12.88 -20.76
CA CYS A 15 14.76 12.99 -20.95
C CYS A 15 14.45 13.03 -22.45
N ASP A 16 13.35 12.38 -22.84
CA ASP A 16 12.99 12.23 -24.26
C ASP A 16 12.25 13.45 -24.82
N GLU A 17 11.17 13.85 -24.17
CA GLU A 17 10.33 14.98 -24.55
C GLU A 17 9.39 14.63 -25.69
N GLN A 18 9.76 13.60 -26.46
CA GLN A 18 8.92 13.10 -27.53
C GLN A 18 8.23 11.78 -27.17
N SER A 19 8.45 11.30 -25.95
CA SER A 19 7.90 9.99 -25.58
C SER A 19 6.43 10.06 -25.17
N PRO A 20 5.58 9.23 -25.80
CA PRO A 20 4.21 9.06 -25.30
C PRO A 20 4.13 8.17 -24.07
N TYR A 21 5.25 7.58 -23.67
CA TYR A 21 5.24 6.68 -22.51
C TYR A 21 6.04 7.18 -21.31
N ARG A 22 5.59 6.77 -20.14
CA ARG A 22 6.28 7.04 -18.89
C ARG A 22 7.58 6.27 -18.85
N THR A 23 8.57 6.83 -18.18
CA THR A 23 9.73 6.06 -17.81
C THR A 23 9.31 5.03 -16.74
N ILE A 24 10.12 4.00 -16.59
CA ILE A 24 9.93 3.04 -15.53
C ILE A 24 10.25 3.72 -14.19
N THR A 25 11.27 4.59 -14.13
CA THR A 25 11.67 5.22 -12.87
C THR A 25 10.80 6.40 -12.43
N GLY A 26 10.04 6.98 -13.36
CA GLY A 26 9.22 8.16 -13.05
C GLY A 26 9.94 9.46 -13.37
N ASP A 27 11.22 9.38 -13.72
CA ASP A 27 11.96 10.56 -14.14
C ASP A 27 11.30 11.10 -15.40
N CYS A 28 11.44 12.41 -15.60
CA CYS A 28 10.97 13.09 -16.81
C CYS A 28 9.46 13.23 -16.95
N ASN A 29 8.71 13.05 -15.86
CA ASN A 29 7.28 13.38 -15.86
C ASN A 29 7.10 14.90 -15.89
N ASN A 30 7.74 15.54 -14.92
CA ASN A 30 7.78 16.98 -14.85
C ASN A 30 8.97 17.50 -15.66
N ARG A 31 8.68 18.32 -16.67
CA ARG A 31 9.70 18.81 -17.61
C ARG A 31 10.71 19.76 -16.99
N ARG A 32 10.25 20.66 -16.12
CA ARG A 32 11.12 21.63 -15.47
C ARG A 32 12.00 20.94 -14.42
N SER A 33 11.39 20.06 -13.63
CA SER A 33 12.11 19.38 -12.57
C SER A 33 11.93 17.86 -12.70
N PRO A 34 12.77 17.22 -13.54
CA PRO A 34 12.53 15.87 -14.02
C PRO A 34 12.62 14.77 -12.98
N ALA A 35 13.29 15.02 -11.86
CA ALA A 35 13.33 14.06 -10.75
C ALA A 35 12.05 14.00 -9.88
N LEU A 36 11.12 14.94 -10.05
CA LEU A 36 9.93 15.02 -9.20
C LEU A 36 9.00 13.83 -9.43
N GLY A 37 8.82 13.03 -8.40
CA GLY A 37 7.91 11.90 -8.45
C GLY A 37 8.65 10.62 -8.78
N ALA A 38 9.90 10.75 -9.21
CA ALA A 38 10.72 9.60 -9.55
C ALA A 38 11.07 8.76 -8.32
N ALA A 39 11.29 7.47 -8.55
CA ALA A 39 11.63 6.53 -7.49
C ALA A 39 13.03 6.79 -6.97
N ASN A 40 13.29 6.24 -5.78
CA ASN A 40 14.55 6.33 -5.04
C ASN A 40 15.08 7.73 -4.76
N ARG A 41 14.13 8.63 -4.50
CA ARG A 41 14.40 9.99 -4.03
C ARG A 41 13.74 10.16 -2.67
N ALA A 42 14.07 11.25 -1.96
CA ALA A 42 13.45 11.50 -0.65
C ALA A 42 11.94 11.65 -0.74
N LEU A 43 11.21 11.03 0.18
CA LEU A 43 9.82 11.42 0.45
C LEU A 43 9.76 12.92 0.72
N ALA A 44 8.70 13.56 0.24
CA ALA A 44 8.57 15.02 0.43
C ALA A 44 8.24 15.32 1.88
N ARG A 45 8.73 16.44 2.39
CA ARG A 45 8.35 16.93 3.71
C ARG A 45 7.39 18.11 3.56
N TRP A 46 6.13 17.88 3.92
CA TRP A 46 5.13 18.95 4.00
C TRP A 46 5.29 19.82 5.23
N LEU A 47 5.85 19.23 6.28
CA LEU A 47 6.25 19.95 7.49
C LEU A 47 7.67 19.53 7.89
N PRO A 48 8.40 20.41 8.59
CA PRO A 48 9.73 19.98 8.96
C PRO A 48 9.73 18.76 9.86
N ALA A 49 10.69 17.88 9.66
CA ALA A 49 10.83 16.67 10.48
C ALA A 49 11.04 17.04 11.94
N GLU A 50 10.62 16.13 12.80
CA GLU A 50 10.64 16.34 14.22
C GLU A 50 11.37 15.14 14.82
N TYR A 51 12.62 15.37 15.14
CA TYR A 51 13.49 14.39 15.74
C TYR A 51 13.93 14.90 17.06
N GLU A 52 14.26 14.01 17.97
CA GLU A 52 14.71 14.45 19.28
C GLU A 52 16.01 15.27 19.24
N ASP A 53 16.86 15.08 18.24
CA ASP A 53 18.03 15.95 18.11
C ASP A 53 17.86 16.98 16.98
N GLY A 54 16.64 17.12 16.47
CA GLY A 54 16.41 17.98 15.32
C GLY A 54 16.84 17.47 13.96
N LEU A 55 17.55 16.33 13.90
CA LEU A 55 18.19 15.84 12.66
C LEU A 55 17.86 14.39 12.26
N ALA A 56 17.94 13.49 13.23
CA ALA A 56 17.82 12.07 12.91
C ALA A 56 17.45 11.14 14.07
N VAL A 57 17.62 11.54 15.32
CA VAL A 57 17.37 10.60 16.42
C VAL A 57 15.85 10.55 16.68
N PRO A 58 15.25 9.36 16.60
CA PRO A 58 13.82 9.33 16.82
C PRO A 58 13.46 9.63 18.26
N PHE A 59 12.31 10.26 18.45
CA PHE A 59 11.66 10.33 19.77
C PHE A 59 11.44 8.92 20.25
N GLY A 60 11.72 8.70 21.53
CA GLY A 60 11.69 7.37 22.11
C GLY A 60 13.05 6.70 22.20
N TRP A 61 14.06 7.24 21.51
CA TRP A 61 15.40 6.63 21.46
C TRP A 61 16.11 6.73 22.79
N THR A 62 16.15 7.93 23.35
CA THR A 62 16.81 8.20 24.62
C THR A 62 15.76 8.27 25.73
N GLN A 63 15.89 7.40 26.75
CA GLN A 63 15.01 7.41 27.96
C GLN A 63 14.79 8.81 28.50
N ARG A 64 15.88 9.56 28.65
CA ARG A 64 15.91 10.86 29.33
C ARG A 64 15.55 12.07 28.44
N LYS A 65 15.24 11.84 27.18
CA LYS A 65 14.83 12.92 26.29
C LYS A 65 13.33 12.93 26.13
N THR A 66 12.68 13.93 26.68
CA THR A 66 11.24 14.03 26.55
C THR A 66 10.82 14.54 25.15
N ARG A 67 9.56 14.37 24.84
CA ARG A 67 8.92 15.17 23.79
C ARG A 67 7.97 16.17 24.48
N ASN A 68 8.25 17.47 24.35
CA ASN A 68 7.44 18.48 25.02
C ASN A 68 7.29 18.25 26.52
N GLY A 69 8.35 17.75 27.15
CA GLY A 69 8.35 17.58 28.59
C GLY A 69 7.78 16.26 29.10
N PHE A 70 7.35 15.36 28.22
CA PHE A 70 6.86 14.05 28.65
C PHE A 70 7.57 12.94 27.91
N ARG A 71 7.77 11.81 28.57
CA ARG A 71 8.33 10.63 27.91
C ARG A 71 7.31 10.13 26.89
N VAL A 72 7.78 9.66 25.74
CA VAL A 72 6.90 9.07 24.76
C VAL A 72 6.62 7.63 25.19
N PRO A 73 5.37 7.16 25.03
CA PRO A 73 5.07 5.81 25.49
C PRO A 73 5.64 4.77 24.55
N LEU A 74 5.92 3.57 25.05
CA LEU A 74 6.33 2.47 24.18
C LEU A 74 5.26 2.20 23.12
N ALA A 75 5.72 1.93 21.89
CA ALA A 75 4.84 1.63 20.78
C ALA A 75 3.93 0.42 21.08
N ARG A 76 4.51 -0.62 21.66
CA ARG A 76 3.77 -1.81 21.99
C ARG A 76 2.78 -1.58 23.15
N GLU A 77 3.12 -0.71 24.08
CA GLU A 77 2.17 -0.36 25.13
C GLU A 77 0.92 0.33 24.56
N VAL A 78 1.13 1.22 23.61
CA VAL A 78 0.04 1.91 22.97
C VAL A 78 -0.78 0.88 22.21
N SER A 79 -0.10 -0.01 21.50
CA SER A 79 -0.79 -1.06 20.79
C SER A 79 -1.70 -1.92 21.71
N ASN A 80 -1.16 -2.38 22.83
CA ASN A 80 -1.90 -3.21 23.78
C ASN A 80 -3.08 -2.48 24.44
N LYS A 81 -2.88 -1.23 24.80
CA LYS A 81 -3.88 -0.52 25.59
C LYS A 81 -4.97 0.12 24.72
N ILE A 82 -4.63 0.46 23.48
CA ILE A 82 -5.50 1.25 22.61
C ILE A 82 -5.97 0.44 21.40
N VAL A 83 -5.05 -0.32 20.79
CA VAL A 83 -5.28 -0.83 19.44
C VAL A 83 -5.91 -2.22 19.45
N GLY A 84 -5.70 -3.01 20.49
CA GLY A 84 -6.10 -4.40 20.48
C GLY A 84 -7.55 -4.64 20.90
N TYR A 85 -8.05 -5.83 20.59
CA TYR A 85 -9.36 -6.30 21.08
C TYR A 85 -9.43 -7.80 20.85
N LEU A 86 -10.36 -8.46 21.55
CA LEU A 86 -10.55 -9.91 21.47
C LEU A 86 -11.66 -10.38 20.54
N ASP A 87 -12.81 -9.71 20.60
CA ASP A 87 -14.06 -10.24 20.02
C ASP A 87 -14.17 -9.80 18.58
N GLU A 88 -14.04 -10.73 17.65
CA GLU A 88 -14.23 -10.39 16.24
C GLU A 88 -15.70 -10.28 15.82
N GLU A 89 -16.64 -10.70 16.68
CA GLU A 89 -18.04 -10.64 16.31
C GLU A 89 -18.50 -9.19 16.21
N GLY A 90 -19.24 -8.87 15.15
CA GLY A 90 -19.75 -7.52 14.95
C GLY A 90 -18.77 -6.50 14.36
N VAL A 91 -17.53 -6.91 14.02
CA VAL A 91 -16.55 -5.92 13.56
C VAL A 91 -16.62 -5.64 12.07
N LEU A 92 -17.39 -6.40 11.31
CA LEU A 92 -17.33 -6.22 9.85
C LEU A 92 -18.12 -4.99 9.38
N ASP A 93 -17.64 -4.44 8.26
CA ASP A 93 -18.23 -3.28 7.62
C ASP A 93 -19.42 -3.73 6.77
N GLN A 94 -20.61 -3.37 7.21
CA GLN A 94 -21.82 -3.81 6.50
C GLN A 94 -21.97 -3.18 5.10
N ASN A 95 -21.12 -2.22 4.73
CA ASN A 95 -21.17 -1.78 3.34
C ASN A 95 -19.85 -1.54 2.60
N ARG A 96 -18.86 -2.35 2.92
CA ARG A 96 -17.64 -2.43 2.13
C ARG A 96 -17.23 -3.89 2.02
N SER A 97 -17.06 -4.34 0.80
CA SER A 97 -16.52 -5.66 0.53
C SER A 97 -15.04 -5.72 0.96
N LEU A 98 -14.53 -6.94 1.05
CA LEU A 98 -13.12 -7.16 1.35
C LEU A 98 -12.23 -6.54 0.27
N LEU A 99 -12.73 -6.48 -0.97
CA LEU A 99 -12.00 -5.79 -2.03
C LEU A 99 -11.64 -4.33 -1.71
N PHE A 100 -12.43 -3.68 -0.86
CA PHE A 100 -12.20 -2.29 -0.49
C PHE A 100 -10.91 -2.16 0.29
N MET A 101 -10.71 -3.07 1.24
CA MET A 101 -9.44 -3.13 1.95
C MET A 101 -8.35 -3.44 0.92
N GLN A 102 -8.60 -4.43 0.08
CA GLN A 102 -7.53 -4.93 -0.75
C GLN A 102 -7.02 -3.93 -1.77
N TRP A 103 -7.93 -3.16 -2.34
CA TRP A 103 -7.55 -2.16 -3.32
C TRP A 103 -6.73 -1.05 -2.68
N GLY A 104 -7.08 -0.70 -1.44
CA GLY A 104 -6.26 0.22 -0.70
C GLY A 104 -4.80 -0.24 -0.65
N GLN A 105 -4.57 -1.51 -0.33
CA GLN A 105 -3.18 -1.99 -0.20
C GLN A 105 -2.47 -1.88 -1.55
N ILE A 106 -3.19 -2.19 -2.63
CA ILE A 106 -2.63 -2.14 -3.99
C ILE A 106 -2.23 -0.73 -4.33
N VAL A 107 -3.14 0.20 -4.08
CA VAL A 107 -2.85 1.59 -4.38
C VAL A 107 -1.66 2.07 -3.57
N ASP A 108 -1.63 1.72 -2.29
CA ASP A 108 -0.54 2.07 -1.44
C ASP A 108 0.77 1.62 -2.03
N HIS A 109 0.83 0.37 -2.47
CA HIS A 109 2.09 -0.18 -2.98
C HIS A 109 2.52 0.43 -4.29
N ASP A 110 1.56 0.97 -5.05
CA ASP A 110 1.86 1.71 -6.26
C ASP A 110 2.59 3.02 -5.94
N LEU A 111 2.29 3.62 -4.79
CA LEU A 111 2.69 4.99 -4.49
C LEU A 111 3.89 5.11 -3.59
N ASP A 112 4.04 4.21 -2.62
CA ASP A 112 5.12 4.38 -1.68
C ASP A 112 5.72 3.13 -1.13
N PHE A 113 7.04 3.18 -0.95
CA PHE A 113 7.80 2.12 -0.30
C PHE A 113 9.06 2.68 0.28
N ALA A 114 9.16 2.67 1.59
CA ALA A 114 10.37 3.08 2.28
C ALA A 114 11.05 1.83 2.83
N PRO A 115 11.98 1.23 2.08
CA PRO A 115 12.69 0.03 2.51
C PRO A 115 13.54 0.18 3.81
N GLU A 116 13.50 -0.85 4.67
CA GLU A 116 14.31 -0.93 5.92
C GLU A 116 15.75 -0.94 5.44
N THR A 117 16.58 -0.16 6.13
CA THR A 117 17.94 0.19 5.69
C THR A 117 18.78 -1.03 5.31
N GLU A 118 19.83 -0.76 4.54
CA GLU A 118 20.70 -1.80 4.00
C GLU A 118 21.91 -2.06 4.94
N LEU A 119 22.95 -1.25 4.82
CA LEU A 119 24.16 -1.33 5.67
C LEU A 119 24.87 -2.70 5.85
N GLY A 120 24.26 -3.80 5.43
CA GLY A 120 24.87 -5.12 5.56
C GLY A 120 23.92 -6.30 5.38
N SER A 121 24.43 -7.36 4.76
CA SER A 121 23.75 -8.66 4.67
C SER A 121 24.28 -9.56 5.77
N SER A 122 25.61 -9.72 5.78
CA SER A 122 26.30 -10.55 6.77
C SER A 122 26.53 -9.75 8.06
N GLU A 123 25.54 -9.80 8.96
CA GLU A 123 25.53 -8.93 10.14
C GLU A 123 25.51 -9.64 11.50
N HIS A 124 26.57 -9.38 12.27
CA HIS A 124 26.58 -9.58 13.72
C HIS A 124 25.49 -8.73 14.37
N SER A 125 25.22 -7.56 13.80
CA SER A 125 24.23 -6.61 14.30
C SER A 125 22.77 -7.08 14.14
N LYS A 126 22.52 -8.02 13.23
CA LYS A 126 21.19 -8.61 13.06
C LYS A 126 20.84 -9.41 14.31
N VAL A 127 21.80 -10.21 14.76
CA VAL A 127 21.69 -10.98 16.01
C VAL A 127 21.56 -10.03 17.20
N GLN A 128 22.40 -9.00 17.24
CA GLN A 128 22.35 -7.99 18.31
C GLN A 128 20.98 -7.35 18.43
N CYS A 129 20.32 -7.12 17.30
CA CYS A 129 18.95 -6.60 17.32
C CYS A 129 17.96 -7.66 17.78
N GLU A 130 17.91 -8.73 17.02
CA GLU A 130 16.97 -9.75 17.30
C GLU A 130 17.15 -10.57 18.56
N GLU A 131 18.34 -11.13 18.76
CA GLU A 131 18.59 -11.99 19.91
C GLU A 131 18.82 -11.22 21.21
N TYR A 132 19.49 -10.08 21.15
CA TYR A 132 19.84 -9.37 22.36
C TYR A 132 19.07 -8.06 22.60
N CYS A 133 18.34 -7.59 21.59
CA CYS A 133 17.50 -6.38 21.73
C CYS A 133 18.28 -5.11 22.14
N VAL A 134 19.53 -4.98 21.69
CA VAL A 134 20.32 -3.80 22.03
C VAL A 134 20.10 -2.75 20.95
N GLN A 135 19.67 -1.57 21.35
CA GLN A 135 19.43 -0.48 20.44
C GLN A 135 20.74 0.19 19.96
N GLY A 136 20.86 0.45 18.66
CA GLY A 136 22.07 1.07 18.14
C GLY A 136 22.09 1.19 16.64
N ASP A 137 22.60 2.31 16.16
CA ASP A 137 22.68 2.56 14.74
C ASP A 137 21.30 2.30 14.11
N GLU A 138 21.17 1.39 13.16
CA GLU A 138 19.84 1.23 12.53
C GLU A 138 18.88 0.26 13.19
N CYS A 139 19.32 -0.44 14.23
CA CYS A 139 18.46 -1.27 15.04
C CYS A 139 17.82 -0.44 16.16
N PHE A 140 16.48 -0.49 16.21
CA PHE A 140 15.66 0.37 17.05
C PHE A 140 14.53 -0.53 17.54
N PRO A 141 14.88 -1.50 18.42
CA PRO A 141 13.93 -2.55 18.79
C PRO A 141 12.67 -2.03 19.54
N ILE A 142 11.58 -2.73 19.30
CA ILE A 142 10.30 -2.43 19.92
C ILE A 142 10.28 -3.21 21.22
N MET A 143 10.48 -2.51 22.33
CA MET A 143 10.61 -3.16 23.63
C MET A 143 9.21 -3.51 24.14
N PHE A 144 9.05 -4.70 24.72
CA PHE A 144 7.76 -5.05 25.34
C PHE A 144 7.63 -4.36 26.67
N PRO A 145 6.42 -3.88 27.01
CA PRO A 145 6.20 -3.39 28.37
C PRO A 145 6.05 -4.53 29.39
N LYS A 146 6.14 -4.21 30.69
CA LYS A 146 5.82 -5.20 31.71
C LYS A 146 4.35 -5.61 31.52
N ASN A 147 4.02 -6.81 31.94
CA ASN A 147 2.67 -7.37 31.76
C ASN A 147 2.35 -7.81 30.32
N ASP A 148 3.24 -7.57 29.35
CA ASP A 148 2.98 -8.09 28.01
C ASP A 148 3.12 -9.62 27.96
N PRO A 149 2.08 -10.35 27.51
CA PRO A 149 2.18 -11.81 27.40
C PRO A 149 3.38 -12.28 26.58
N LYS A 150 3.73 -11.49 25.57
CA LYS A 150 4.87 -11.78 24.70
C LYS A 150 6.20 -11.81 25.44
N LEU A 151 6.29 -11.10 26.56
CA LEU A 151 7.47 -11.20 27.42
C LEU A 151 7.68 -12.61 27.91
N LYS A 152 6.59 -13.36 28.10
CA LYS A 152 6.64 -14.72 28.61
C LYS A 152 6.98 -15.78 27.55
N THR A 153 6.79 -15.45 26.29
CA THR A 153 6.99 -16.44 25.22
C THR A 153 7.99 -16.03 24.11
N GLN A 154 8.29 -14.75 24.00
CA GLN A 154 9.03 -14.21 22.87
C GLN A 154 10.25 -13.37 23.20
N GLY A 155 10.64 -13.31 24.47
CA GLY A 155 11.79 -12.49 24.87
C GLY A 155 11.40 -11.04 25.13
N LYS A 156 12.36 -10.13 25.00
CA LYS A 156 12.22 -8.78 25.54
C LYS A 156 11.76 -7.73 24.52
N CYS A 157 11.79 -8.09 23.23
CA CYS A 157 11.49 -7.10 22.18
C CYS A 157 11.14 -7.72 20.86
N MET A 158 10.60 -6.88 19.98
CA MET A 158 10.46 -7.20 18.57
C MET A 158 11.53 -6.46 17.79
N PRO A 159 12.24 -7.17 16.90
CA PRO A 159 13.23 -6.44 16.12
C PRO A 159 12.60 -5.42 15.19
N PHE A 160 13.36 -4.37 14.88
CA PHE A 160 12.91 -3.26 14.07
C PHE A 160 14.13 -2.47 13.59
N PHE A 161 14.23 -2.31 12.28
CA PHE A 161 15.36 -1.62 11.67
C PHE A 161 14.89 -0.35 10.98
N ARG A 162 15.65 0.71 11.17
CA ARG A 162 15.30 2.02 10.66
C ARG A 162 15.30 2.03 9.13
N ALA A 163 14.42 2.83 8.57
CA ALA A 163 14.28 2.97 7.13
C ALA A 163 15.48 3.68 6.52
N GLY A 164 15.73 3.36 5.26
CA GLY A 164 16.83 3.97 4.50
C GLY A 164 16.56 5.43 4.24
N PHE A 165 17.63 6.16 4.05
CA PHE A 165 17.52 7.61 3.87
C PHE A 165 18.50 8.07 2.80
N VAL A 166 18.24 9.19 2.19
CA VAL A 166 19.07 9.73 1.12
C VAL A 166 20.33 10.45 1.56
N CYS A 167 21.27 10.60 0.63
CA CYS A 167 22.74 10.72 0.74
C CYS A 167 23.44 9.44 1.34
N PRO A 168 22.96 8.30 0.82
CA PRO A 168 22.34 7.23 1.61
C PRO A 168 23.24 6.11 1.90
N THR A 169 23.53 5.88 3.18
CA THR A 169 23.24 4.83 4.04
C THR A 169 23.97 4.84 5.41
N PRO A 170 25.21 5.33 5.44
CA PRO A 170 25.89 5.73 6.67
C PRO A 170 25.34 7.06 7.21
N PRO A 171 25.51 7.32 8.51
CA PRO A 171 24.98 8.56 9.10
C PRO A 171 25.65 9.85 8.60
N TYR A 172 24.85 10.91 8.44
CA TYR A 172 25.37 12.23 8.09
C TYR A 172 24.64 13.32 8.91
N GLN A 173 25.26 14.49 9.00
CA GLN A 173 24.87 15.57 9.96
C GLN A 173 24.39 16.88 9.29
N SER A 174 23.55 16.75 8.25
CA SER A 174 23.12 17.89 7.40
C SER A 174 21.78 18.49 7.88
N LEU A 175 20.89 18.92 6.96
CA LEU A 175 19.47 19.16 7.30
C LEU A 175 18.90 17.81 7.77
N ALA A 176 17.65 17.75 8.16
CA ALA A 176 17.14 16.54 8.78
C ALA A 176 16.97 15.40 7.84
N ARG A 177 17.05 14.23 8.39
CA ARG A 177 17.03 12.99 7.64
C ARG A 177 15.74 12.79 6.85
N ASP A 178 15.86 12.45 5.57
CA ASP A 178 14.71 12.11 4.73
C ASP A 178 14.74 10.68 4.21
N GLN A 179 13.69 9.95 4.55
CA GLN A 179 13.51 8.56 4.13
C GLN A 179 13.22 8.51 2.64
N ILE A 180 13.56 7.37 2.04
CA ILE A 180 13.45 7.18 0.59
C ILE A 180 12.08 6.61 0.23
N ASN A 181 11.58 7.05 -0.92
CA ASN A 181 10.47 6.36 -1.57
C ASN A 181 11.06 5.61 -2.76
N ALA A 182 11.08 4.29 -2.66
CA ALA A 182 11.72 3.39 -3.62
C ALA A 182 10.84 3.10 -4.83
N VAL A 183 9.58 3.57 -4.81
CA VAL A 183 8.68 3.40 -5.96
C VAL A 183 8.27 4.76 -6.53
N THR A 184 7.64 4.78 -7.71
CA THR A 184 7.25 6.02 -8.37
C THR A 184 6.01 6.61 -7.69
N SER A 185 6.03 7.93 -7.43
CA SER A 185 4.94 8.62 -6.74
C SER A 185 3.68 8.65 -7.57
N PHE A 186 3.82 8.42 -8.88
CA PHE A 186 2.71 8.46 -9.77
C PHE A 186 1.94 7.19 -9.62
N LEU A 187 0.65 7.32 -9.87
CA LEU A 187 -0.23 6.16 -9.93
C LEU A 187 -0.19 5.57 -11.32
N ASP A 188 0.71 4.60 -11.48
CA ASP A 188 1.19 4.19 -12.82
C ASP A 188 1.44 2.69 -12.96
N ALA A 189 0.84 1.89 -12.10
CA ALA A 189 1.05 0.43 -12.09
C ALA A 189 2.51 0.04 -11.92
N SER A 190 3.28 0.85 -11.19
CA SER A 190 4.66 0.50 -10.90
C SER A 190 4.70 -0.79 -10.10
N LEU A 191 3.63 -1.12 -9.39
CA LEU A 191 3.59 -2.39 -8.66
C LEU A 191 3.53 -3.63 -9.58
N VAL A 192 3.09 -3.45 -10.81
CA VAL A 192 3.07 -4.53 -11.79
C VAL A 192 4.37 -4.55 -12.59
N TYR A 193 4.84 -3.38 -12.99
CA TYR A 193 5.97 -3.27 -13.93
C TYR A 193 7.32 -2.97 -13.29
N GLY A 194 7.31 -2.50 -12.05
CA GLY A 194 8.53 -2.15 -11.33
C GLY A 194 8.85 -0.68 -11.49
N SER A 195 9.72 -0.16 -10.63
CA SER A 195 10.16 1.23 -10.65
C SER A 195 11.64 1.37 -10.92
N GLU A 196 12.27 0.27 -11.31
CA GLU A 196 13.71 0.25 -11.55
C GLU A 196 13.95 -0.50 -12.85
N PRO A 197 14.94 -0.11 -13.64
CA PRO A 197 15.24 -0.85 -14.87
C PRO A 197 15.64 -2.33 -14.74
N SEP A 198 16.37 -2.81 -13.72
CA SEP A 198 16.69 -4.22 -13.57
CB SEP A 198 17.38 -4.49 -12.23
OG SEP A 198 17.90 -5.81 -11.81
C SEP A 198 15.43 -5.00 -13.44
O SEP A 198 15.20 -5.94 -14.18
P SEP A 198 17.32 -7.23 -11.29
O1P SEP A 198 16.92 -7.65 -12.57
O2P SEP A 198 18.31 -7.98 -10.58
O3P SEP A 198 16.22 -7.04 -10.28
N LEU A 199 14.53 -4.58 -12.57
CA LEU A 199 13.34 -5.35 -12.33
C LEU A 199 12.43 -5.35 -13.48
N ALA A 200 12.21 -4.22 -14.07
CA ALA A 200 11.26 -4.07 -15.14
C ALA A 200 11.57 -5.00 -16.31
N SER A 201 12.86 -5.10 -16.68
CA SER A 201 13.25 -6.03 -17.73
C SER A 201 13.16 -7.50 -17.29
N ARG A 202 13.52 -7.80 -16.07
CA ARG A 202 13.41 -9.15 -15.62
C ARG A 202 11.99 -9.67 -15.64
N LEU A 203 11.03 -8.81 -15.40
CA LEU A 203 9.62 -9.16 -15.41
C LEU A 203 9.05 -9.40 -16.78
N ARG A 204 9.62 -8.76 -17.80
CA ARG A 204 9.10 -8.89 -19.16
C ARG A 204 9.53 -10.20 -19.80
N ASN A 205 8.75 -10.62 -20.79
CA ASN A 205 9.16 -11.72 -21.60
C ASN A 205 9.81 -11.18 -22.86
N LEU A 206 11.13 -11.30 -22.91
CA LEU A 206 11.88 -10.81 -24.05
C LEU A 206 12.30 -11.94 -24.99
N SER A 207 11.79 -13.16 -24.74
CA SER A 207 12.04 -14.31 -25.61
C SER A 207 11.11 -14.33 -26.82
N SER A 208 10.16 -13.40 -26.86
CA SER A 208 9.20 -13.27 -27.96
C SER A 208 8.78 -11.80 -28.12
N PRO A 209 8.55 -11.34 -29.37
CA PRO A 209 8.23 -9.93 -29.62
C PRO A 209 6.75 -9.59 -29.43
N LEU A 210 6.16 -10.08 -28.34
CA LEU A 210 4.73 -9.95 -28.12
C LEU A 210 4.38 -8.99 -26.99
N GLY A 211 5.40 -8.42 -26.34
CA GLY A 211 5.17 -7.45 -25.26
C GLY A 211 4.49 -8.03 -24.04
N LEU A 212 4.69 -9.32 -23.80
CA LEU A 212 4.04 -10.00 -22.70
C LEU A 212 4.92 -9.82 -21.48
N MET A 213 4.29 -10.00 -20.33
CA MET A 213 5.00 -10.12 -19.09
C MET A 213 5.32 -11.59 -18.88
N ALA A 214 6.44 -11.86 -18.23
CA ALA A 214 6.87 -13.23 -17.98
C ALA A 214 5.85 -13.90 -17.08
N VAL A 215 5.60 -15.19 -17.28
CA VAL A 215 4.66 -15.93 -16.43
C VAL A 215 5.30 -17.20 -15.89
N ASN A 216 4.74 -17.72 -14.81
CA ASN A 216 5.24 -18.94 -14.20
C ASN A 216 5.22 -20.06 -15.24
N GLN A 217 6.26 -20.88 -15.26
CA GLN A 217 6.31 -22.00 -16.20
C GLN A 217 6.11 -23.33 -15.49
N GLU A 218 5.95 -23.27 -14.17
CA GLU A 218 5.80 -24.45 -13.32
C GLU A 218 4.34 -24.70 -12.93
N ALA A 219 3.58 -23.63 -12.71
CA ALA A 219 2.20 -23.74 -12.27
C ALA A 219 1.25 -22.91 -13.12
N TRP A 220 0.07 -23.47 -13.37
CA TRP A 220 -1.00 -22.77 -14.06
C TRP A 220 -2.31 -22.88 -13.28
N ASP A 221 -3.21 -21.94 -13.53
CA ASP A 221 -4.53 -21.85 -12.90
C ASP A 221 -5.60 -22.07 -13.97
N HIS A 222 -5.94 -23.34 -14.20
CA HIS A 222 -6.94 -23.70 -15.21
C HIS A 222 -6.60 -23.05 -16.53
N GLY A 223 -5.36 -23.18 -16.95
CA GLY A 223 -4.90 -22.55 -18.19
C GLY A 223 -4.69 -21.04 -18.11
N LEU A 224 -4.86 -20.44 -16.94
CA LEU A 224 -4.54 -19.03 -16.78
C LEU A 224 -3.27 -18.90 -15.94
N ALA A 225 -2.59 -17.78 -16.06
CA ALA A 225 -1.19 -17.68 -15.64
C ALA A 225 -1.01 -17.23 -14.20
N TYR A 226 0.14 -17.59 -13.64
CA TYR A 226 0.62 -16.99 -12.40
C TYR A 226 1.87 -16.16 -12.69
N PRO A 227 2.22 -15.26 -11.76
CA PRO A 227 3.51 -14.56 -11.88
C PRO A 227 4.68 -15.54 -11.78
N PRO A 228 5.87 -15.16 -12.30
CA PRO A 228 7.01 -16.01 -12.07
C PRO A 228 7.33 -16.13 -10.60
N PHE A 229 7.97 -17.23 -10.23
CA PHE A 229 8.53 -17.34 -8.90
C PHE A 229 9.75 -16.46 -8.76
N ASN A 230 10.00 -16.04 -7.54
CA ASN A 230 11.25 -15.43 -7.15
C ASN A 230 12.12 -16.58 -6.64
N ASN A 231 13.17 -16.90 -7.37
CA ASN A 231 13.98 -18.06 -7.03
C ASN A 231 15.24 -17.74 -6.20
N VAL A 232 15.31 -16.53 -5.67
CA VAL A 232 16.36 -16.18 -4.68
C VAL A 232 15.96 -16.72 -3.31
N LYS A 233 16.92 -17.36 -2.64
CA LYS A 233 16.69 -17.97 -1.35
C LYS A 233 17.60 -17.28 -0.36
N PRO A 234 17.15 -17.04 0.90
CA PRO A 234 15.93 -17.48 1.60
C PRO A 234 14.63 -16.85 1.09
N SER A 235 13.58 -17.67 0.98
CA SER A 235 12.26 -17.20 0.53
C SER A 235 11.18 -17.41 1.60
N PRO A 236 10.59 -16.31 2.11
CA PRO A 236 9.62 -16.48 3.21
C PRO A 236 8.39 -17.35 2.84
N CYS A 237 8.01 -17.38 1.57
CA CYS A 237 6.90 -18.22 1.15
C CYS A 237 7.26 -19.71 1.21
N GLU A 238 8.55 -20.01 1.04
CA GLU A 238 9.05 -21.35 1.31
C GLU A 238 9.14 -21.63 2.82
N PHE A 239 9.63 -20.66 3.58
CA PHE A 239 9.80 -20.78 5.03
C PHE A 239 8.52 -21.15 5.79
N ILE A 240 7.39 -20.56 5.38
CA ILE A 240 6.10 -20.83 6.06
C ILE A 240 5.60 -22.23 5.74
N ASN A 241 6.14 -22.87 4.73
CA ASN A 241 5.80 -24.26 4.45
C ASN A 241 6.89 -24.96 3.65
N THR A 242 7.83 -25.57 4.35
CA THR A 242 8.95 -26.22 3.70
C THR A 242 8.57 -27.54 3.02
N THR A 243 7.36 -28.05 3.24
CA THR A 243 6.91 -29.27 2.55
C THR A 243 6.47 -28.94 1.13
N ALA A 244 5.77 -27.82 0.95
CA ALA A 244 5.23 -27.43 -0.35
C ALA A 244 6.27 -26.81 -1.29
N HIS A 245 7.29 -26.16 -0.73
CA HIS A 245 8.37 -25.58 -1.54
C HIS A 245 7.86 -24.63 -2.61
N VAL A 246 6.86 -23.82 -2.26
CA VAL A 246 6.30 -22.86 -3.21
C VAL A 246 6.80 -21.47 -2.86
N PRO A 247 7.66 -20.90 -3.72
CA PRO A 247 8.26 -19.61 -3.40
C PRO A 247 7.34 -18.43 -3.64
N CYS A 248 7.82 -17.24 -3.29
CA CYS A 248 7.06 -16.05 -3.53
C CYS A 248 6.99 -15.74 -5.00
N PHE A 249 5.97 -14.97 -5.36
CA PHE A 249 5.82 -14.46 -6.69
C PHE A 249 6.79 -13.32 -6.90
N GLN A 250 7.08 -13.06 -8.15
CA GLN A 250 7.86 -11.93 -8.52
C GLN A 250 6.97 -10.99 -9.18
N ALA A 251 7.00 -9.76 -8.74
CA ALA A 251 6.09 -8.72 -9.19
C ALA A 251 6.76 -7.34 -9.10
N GLY A 252 6.22 -6.38 -9.84
CA GLY A 252 6.80 -5.05 -9.91
C GLY A 252 7.16 -4.49 -8.57
N ASP A 253 6.47 -4.94 -7.52
CA ASP A 253 6.71 -4.49 -6.18
C ASP A 253 7.12 -5.68 -5.35
N SER A 254 8.15 -5.49 -4.54
CA SER A 254 8.77 -6.60 -3.79
C SER A 254 7.84 -7.21 -2.71
N ARG A 255 6.74 -6.53 -2.37
CA ARG A 255 5.89 -6.95 -1.27
C ARG A 255 4.72 -7.83 -1.71
N ALA A 256 4.64 -8.16 -2.99
CA ALA A 256 3.43 -8.77 -3.60
C ALA A 256 2.91 -10.04 -2.96
N SER A 257 3.73 -10.79 -2.24
CA SER A 257 3.28 -12.03 -1.60
C SER A 257 3.06 -11.92 -0.09
N GLU A 258 3.06 -10.69 0.38
CA GLU A 258 2.93 -10.43 1.82
C GLU A 258 1.68 -11.07 2.39
N GLN A 259 0.60 -11.11 1.62
CA GLN A 259 -0.54 -11.94 1.99
C GLN A 259 -1.27 -12.37 0.72
N ILE A 260 -1.99 -13.49 0.83
CA ILE A 260 -2.56 -14.18 -0.30
C ILE A 260 -3.52 -13.36 -1.19
N LEU A 261 -4.22 -12.38 -0.65
CA LEU A 261 -5.18 -11.61 -1.44
C LEU A 261 -4.47 -10.49 -2.21
N LEU A 262 -3.33 -10.03 -1.70
CA LEU A 262 -2.46 -9.09 -2.44
C LEU A 262 -1.87 -9.81 -3.65
N ALA A 263 -1.40 -11.03 -3.44
CA ALA A 263 -0.80 -11.84 -4.49
C ALA A 263 -1.86 -12.17 -5.55
N THR A 264 -3.08 -12.34 -5.06
CA THR A 264 -4.24 -12.59 -5.89
C THR A 264 -4.52 -11.39 -6.81
N VAL A 265 -4.60 -10.19 -6.25
CA VAL A 265 -4.87 -9.06 -7.12
C VAL A 265 -3.69 -8.78 -8.08
N HIS A 266 -2.45 -8.96 -7.61
CA HIS A 266 -1.26 -8.87 -8.47
C HIS A 266 -1.37 -9.83 -9.66
N THR A 267 -1.95 -11.01 -9.43
CA THR A 267 -2.05 -12.02 -10.49
C THR A 267 -3.08 -11.60 -11.53
N LEU A 268 -4.21 -11.05 -11.08
CA LEU A 268 -5.19 -10.43 -11.97
C LEU A 268 -4.62 -9.33 -12.86
N LEU A 269 -3.75 -8.52 -12.27
CA LEU A 269 -3.18 -7.37 -12.97
C LEU A 269 -2.15 -7.84 -14.00
N LEU A 270 -1.39 -8.87 -13.66
CA LEU A 270 -0.46 -9.48 -14.63
C LEU A 270 -1.22 -10.05 -15.78
N ARG A 271 -2.30 -10.75 -15.45
CA ARG A 271 -3.17 -11.38 -16.46
C ARG A 271 -3.74 -10.33 -17.41
N GLU A 272 -4.12 -9.19 -16.87
CA GLU A 272 -4.75 -8.14 -17.66
C GLU A 272 -3.74 -7.56 -18.63
N HIS A 273 -2.50 -7.41 -18.19
CA HIS A 273 -1.48 -6.91 -19.12
C HIS A 273 -1.39 -7.79 -20.36
N ASN A 274 -1.12 -9.07 -20.14
CA ASN A 274 -0.99 -10.04 -21.23
C ASN A 274 -2.27 -10.14 -22.08
N ARG A 275 -3.45 -10.10 -21.43
CA ARG A 275 -4.71 -10.10 -22.18
C ARG A 275 -4.75 -8.87 -23.09
N LEU A 276 -4.45 -7.71 -22.53
CA LEU A 276 -4.37 -6.48 -23.31
C LEU A 276 -3.34 -6.57 -24.44
N ALA A 277 -2.15 -7.07 -24.13
CA ALA A 277 -1.07 -7.20 -25.13
C ALA A 277 -1.44 -8.12 -26.29
N ARG A 278 -2.20 -9.18 -26.00
CA ARG A 278 -2.68 -10.10 -27.03
C ARG A 278 -3.75 -9.47 -27.92
N GLU A 279 -4.64 -8.67 -27.33
CA GLU A 279 -5.67 -7.98 -28.12
C GLU A 279 -5.08 -6.92 -29.03
N LEU A 280 -4.14 -6.15 -28.49
CA LEU A 280 -3.43 -5.15 -29.26
C LEU A 280 -2.71 -5.72 -30.48
N LYS A 281 -2.00 -6.84 -30.31
CA LYS A 281 -1.26 -7.46 -31.41
C LYS A 281 -2.21 -8.00 -32.49
N ARG A 282 -3.36 -8.52 -32.05
CA ARG A 282 -4.39 -9.00 -32.98
C ARG A 282 -4.95 -7.82 -33.76
N LEU A 283 -5.30 -6.75 -33.03
CA LEU A 283 -5.77 -5.51 -33.64
C LEU A 283 -4.68 -4.76 -34.41
N ASN A 284 -3.43 -4.91 -33.98
CA ASN A 284 -2.31 -4.27 -34.67
C ASN A 284 -1.15 -5.26 -34.87
N PRO A 285 -1.26 -6.11 -35.91
CA PRO A 285 -0.27 -7.17 -36.15
C PRO A 285 1.12 -6.64 -36.43
N HIS A 286 1.20 -5.45 -37.01
CA HIS A 286 2.49 -4.84 -37.33
C HIS A 286 3.32 -4.48 -36.08
N TRP A 287 2.67 -4.19 -34.97
CA TRP A 287 3.32 -3.68 -33.74
C TRP A 287 4.37 -4.62 -33.15
N ASP A 288 5.53 -4.03 -32.80
CA ASP A 288 6.66 -4.76 -32.22
C ASP A 288 6.52 -4.95 -30.72
N GLY A 289 7.40 -5.77 -30.16
CA GLY A 289 7.37 -6.15 -28.76
C GLY A 289 7.27 -5.00 -27.77
N GLU A 290 8.10 -3.98 -27.98
CA GLU A 290 8.13 -2.79 -27.13
C GLU A 290 6.81 -2.04 -27.12
N MET A 291 6.28 -1.69 -28.29
CA MET A 291 5.05 -0.91 -28.34
C MET A 291 3.86 -1.66 -27.76
N LEU A 292 3.80 -2.98 -27.97
CA LEU A 292 2.78 -3.81 -27.34
C LEU A 292 2.87 -3.66 -25.82
N TYR A 293 4.03 -3.98 -25.26
CA TYR A 293 4.29 -3.83 -23.82
C TYR A 293 3.88 -2.46 -23.33
N GLN A 294 4.35 -1.41 -24.03
CA GLN A 294 4.11 -0.05 -23.55
C GLN A 294 2.65 0.38 -23.66
N GLU A 295 1.96 -0.02 -24.73
CA GLU A 295 0.56 0.36 -24.89
C GLU A 295 -0.31 -0.38 -23.88
N ALA A 296 0.01 -1.65 -23.64
CA ALA A 296 -0.65 -2.43 -22.58
C ALA A 296 -0.39 -1.78 -21.23
N ARG A 297 0.87 -1.45 -20.96
CA ARG A 297 1.23 -0.80 -19.70
C ARG A 297 0.48 0.53 -19.49
N LYS A 298 0.39 1.32 -20.55
CA LYS A 298 -0.34 2.58 -20.49
C LYS A 298 -1.82 2.37 -20.15
N ILE A 299 -2.45 1.36 -20.74
CA ILE A 299 -3.86 1.10 -20.47
C ILE A 299 -4.06 0.69 -19.02
N LEU A 300 -3.29 -0.29 -18.56
CA LEU A 300 -3.38 -0.77 -17.17
C LEU A 300 -3.18 0.34 -16.13
N GLY A 301 -2.24 1.24 -16.41
CA GLY A 301 -2.05 2.43 -15.58
C GLY A 301 -3.31 3.28 -15.47
N ALA A 302 -3.98 3.51 -16.59
CA ALA A 302 -5.23 4.26 -16.59
C ALA A 302 -6.31 3.50 -15.80
N PHE A 303 -6.33 2.18 -15.94
CA PHE A 303 -7.30 1.35 -15.21
C PHE A 303 -7.19 1.61 -13.70
N ILE A 304 -5.96 1.56 -13.20
CA ILE A 304 -5.70 1.75 -11.80
C ILE A 304 -6.08 3.16 -11.39
N GLN A 305 -5.83 4.13 -12.26
CA GLN A 305 -6.19 5.51 -11.93
C GLN A 305 -7.70 5.66 -11.83
N ILE A 306 -8.43 5.03 -12.76
CA ILE A 306 -9.88 5.20 -12.83
C ILE A 306 -10.57 4.51 -11.67
N ILE A 307 -10.22 3.25 -11.44
CA ILE A 307 -10.80 2.50 -10.33
C ILE A 307 -10.53 3.27 -9.05
N THR A 308 -9.31 3.80 -8.91
CA THR A 308 -8.95 4.50 -7.70
C THR A 308 -9.71 5.80 -7.52
N PHE A 309 -9.74 6.66 -8.52
CA PHE A 309 -10.31 7.96 -8.30
C PHE A 309 -11.84 7.98 -8.44
N ARG A 310 -12.38 7.11 -9.28
CA ARG A 310 -13.85 7.06 -9.52
C ARG A 310 -14.57 6.25 -8.47
N ASP A 311 -14.04 5.08 -8.14
CA ASP A 311 -14.73 4.12 -7.27
C ASP A 311 -14.21 4.11 -5.84
N TYR A 312 -12.89 4.21 -5.65
CA TYR A 312 -12.31 3.96 -4.34
C TYR A 312 -12.29 5.23 -3.46
N LEU A 313 -11.65 6.29 -3.96
CA LEU A 313 -11.54 7.48 -3.13
C LEU A 313 -12.88 8.04 -2.64
N PRO A 314 -13.94 8.06 -3.49
CA PRO A 314 -15.17 8.70 -2.99
C PRO A 314 -15.74 8.01 -1.73
N ILE A 315 -15.49 6.71 -1.61
CA ILE A 315 -16.01 5.94 -0.47
C ILE A 315 -14.97 5.81 0.68
N VAL A 316 -13.78 6.36 0.48
CA VAL A 316 -12.83 6.56 1.58
C VAL A 316 -13.05 7.95 2.18
N LEU A 317 -13.04 8.95 1.32
CA LEU A 317 -13.11 10.36 1.73
C LEU A 317 -14.53 10.86 1.97
N GLY A 318 -15.50 10.23 1.33
CA GLY A 318 -16.92 10.62 1.49
C GLY A 318 -17.19 12.09 1.25
N SER A 319 -17.76 12.73 2.26
CA SER A 319 -18.15 14.13 2.18
C SER A 319 -17.00 15.11 2.00
N GLU A 320 -15.76 14.67 2.24
CA GLU A 320 -14.61 15.53 2.06
C GLU A 320 -14.04 15.41 0.66
N MET A 321 -14.50 14.46 -0.13
CA MET A 321 -13.89 14.18 -1.45
C MET A 321 -13.92 15.41 -2.34
N GLN A 322 -15.02 16.16 -2.26
CA GLN A 322 -15.23 17.31 -3.13
C GLN A 322 -14.27 18.43 -2.74
N LYS A 323 -14.11 18.62 -1.45
CA LYS A 323 -13.28 19.63 -0.87
C LYS A 323 -11.78 19.50 -1.16
N TRP A 324 -11.31 18.29 -1.40
CA TRP A 324 -9.89 18.00 -1.61
C TRP A 324 -9.59 17.51 -3.01
N ILE A 325 -10.51 16.77 -3.61
CA ILE A 325 -10.32 16.28 -4.98
C ILE A 325 -11.49 16.75 -5.84
N PRO A 326 -11.49 18.05 -6.18
CA PRO A 326 -12.52 18.51 -7.10
C PRO A 326 -12.35 17.90 -8.50
N PRO A 327 -13.31 18.14 -9.40
CA PRO A 327 -13.20 17.64 -10.77
C PRO A 327 -11.89 18.06 -11.49
N TYR A 328 -11.31 17.17 -12.26
CA TYR A 328 -10.02 17.40 -12.85
C TYR A 328 -10.10 18.58 -13.79
N GLN A 329 -9.22 19.55 -13.61
CA GLN A 329 -9.13 20.76 -14.46
C GLN A 329 -7.85 20.81 -15.29
N GLY A 330 -7.18 19.67 -15.43
CA GLY A 330 -5.98 19.57 -16.25
C GLY A 330 -4.67 19.39 -15.50
N TYR A 331 -3.65 18.99 -16.26
CA TYR A 331 -2.30 18.81 -15.74
C TYR A 331 -1.74 20.15 -15.39
N ASN A 332 -1.09 20.20 -14.24
CA ASN A 332 -0.56 21.42 -13.72
C ASN A 332 0.90 21.20 -13.33
N ASN A 333 1.81 21.76 -14.10
CA ASN A 333 3.24 21.54 -13.90
C ASN A 333 3.83 22.25 -12.67
N SER A 334 3.04 23.06 -11.98
CA SER A 334 3.47 23.66 -10.72
C SER A 334 3.28 22.76 -9.50
N VAL A 335 2.40 21.77 -9.62
CA VAL A 335 2.05 20.91 -8.50
C VAL A 335 3.16 19.93 -8.19
N ASP A 336 3.44 19.75 -6.90
CA ASP A 336 4.40 18.77 -6.44
C ASP A 336 3.77 17.38 -6.45
N PRO A 337 4.25 16.50 -7.33
CA PRO A 337 3.68 15.16 -7.41
C PRO A 337 4.22 14.19 -6.37
N ARG A 338 5.26 14.55 -5.63
CA ARG A 338 5.90 13.57 -4.72
C ARG A 338 4.98 13.15 -3.59
N ILE A 339 5.09 11.88 -3.19
CA ILE A 339 4.44 11.36 -1.99
C ILE A 339 5.17 11.93 -0.78
N SER A 340 4.38 12.41 0.17
CA SER A 340 4.88 13.01 1.37
C SER A 340 5.10 11.87 2.36
N ASN A 341 6.00 12.13 3.30
CA ASN A 341 6.32 11.16 4.32
C ASN A 341 5.06 10.85 5.14
N VAL A 342 4.34 11.87 5.56
CA VAL A 342 3.12 11.66 6.37
C VAL A 342 2.08 10.82 5.66
N PHE A 343 1.90 11.01 4.36
CA PHE A 343 0.97 10.17 3.61
C PHE A 343 1.22 8.66 3.81
N THR A 344 2.49 8.23 3.94
CA THR A 344 2.83 6.82 4.08
C THR A 344 2.32 6.27 5.43
N PHE A 345 2.01 7.16 6.37
CA PHE A 345 1.36 6.76 7.64
C PHE A 345 -0.16 6.93 7.62
N ALA A 346 -0.61 8.01 7.02
CA ALA A 346 -2.03 8.27 6.83
C ALA A 346 -2.71 7.12 6.09
N PHE A 347 -2.07 6.65 5.03
CA PHE A 347 -2.69 5.63 4.18
C PHE A 347 -2.68 4.27 4.90
N ARG A 348 -2.09 4.21 6.08
CA ARG A 348 -2.06 3.01 6.89
C ARG A 348 -3.39 2.86 7.68
N PHE A 349 -4.35 3.75 7.41
CA PHE A 349 -5.71 3.52 7.92
C PHE A 349 -6.24 2.13 7.54
N GLY A 350 -5.77 1.61 6.41
CA GLY A 350 -6.20 0.29 5.92
C GLY A 350 -5.93 -0.85 6.88
N HIS A 351 -4.93 -0.70 7.75
CA HIS A 351 -4.63 -1.72 8.74
C HIS A 351 -5.84 -2.02 9.65
N MET A 352 -6.68 -1.01 9.88
CA MET A 352 -7.85 -1.17 10.74
C MET A 352 -9.05 -1.75 9.98
N GLU A 353 -8.88 -1.97 8.67
CA GLU A 353 -9.89 -2.57 7.81
C GLU A 353 -9.65 -4.03 7.48
N VAL A 354 -8.56 -4.58 7.98
CA VAL A 354 -8.21 -5.96 7.68
C VAL A 354 -8.92 -6.86 8.66
N PRO A 355 -9.75 -7.80 8.17
CA PRO A 355 -10.48 -8.66 9.08
C PRO A 355 -9.64 -9.89 9.44
N SER A 356 -10.14 -10.68 10.38
CA SER A 356 -9.33 -11.77 10.95
C SER A 356 -9.26 -13.06 10.13
N THR A 357 -10.10 -13.21 9.10
CA THR A 357 -10.09 -14.43 8.30
C THR A 357 -10.18 -14.13 6.79
N VAL A 358 -9.83 -15.12 5.99
CA VAL A 358 -10.04 -15.11 4.54
C VAL A 358 -10.74 -16.39 4.15
N SER A 359 -11.71 -16.30 3.24
CA SER A 359 -12.50 -17.44 2.79
C SER A 359 -12.27 -17.71 1.32
N ARG A 360 -12.29 -19.00 0.99
CA ARG A 360 -12.35 -19.48 -0.38
C ARG A 360 -13.81 -19.88 -0.58
N LEU A 361 -14.40 -19.39 -1.67
CA LEU A 361 -15.79 -19.72 -1.99
C LEU A 361 -15.90 -20.39 -3.36
N ASP A 362 -16.88 -21.27 -3.50
CA ASP A 362 -17.14 -21.97 -4.76
C ASP A 362 -18.06 -21.15 -5.66
N GLU A 363 -18.53 -21.75 -6.75
CA GLU A 363 -19.33 -21.05 -7.79
C GLU A 363 -20.74 -20.70 -7.35
N ASN A 364 -21.20 -21.35 -6.30
CA ASN A 364 -22.44 -20.94 -5.67
C ASN A 364 -22.16 -20.04 -4.48
N TYR A 365 -20.91 -19.61 -4.36
CA TYR A 365 -20.50 -18.68 -3.33
C TYR A 365 -20.74 -19.25 -1.95
N GLN A 366 -20.71 -20.57 -1.88
CA GLN A 366 -20.69 -21.32 -0.64
C GLN A 366 -19.23 -21.70 -0.32
N PRO A 367 -18.96 -22.08 0.95
CA PRO A 367 -17.60 -22.48 1.35
C PRO A 367 -16.94 -23.49 0.41
N TRP A 368 -15.74 -23.15 -0.02
CA TRP A 368 -14.95 -23.99 -0.91
C TRP A 368 -14.15 -25.00 -0.08
N GLY A 369 -14.59 -26.26 -0.07
CA GLY A 369 -13.94 -27.31 0.72
C GLY A 369 -14.15 -27.20 2.22
N PRO A 370 -13.59 -28.15 3.00
CA PRO A 370 -13.74 -28.19 4.48
C PRO A 370 -12.92 -27.15 5.26
N GLU A 371 -11.88 -26.58 4.67
CA GLU A 371 -11.13 -25.51 5.34
C GLU A 371 -11.28 -24.22 4.56
N ALA A 372 -12.50 -23.91 4.14
CA ALA A 372 -12.70 -22.75 3.25
C ALA A 372 -12.24 -21.45 3.92
N GLU A 373 -12.53 -21.33 5.22
CA GLU A 373 -12.20 -20.14 5.96
C GLU A 373 -10.89 -20.36 6.70
N LEU A 374 -9.93 -19.47 6.50
CA LEU A 374 -8.62 -19.59 7.16
C LEU A 374 -8.25 -18.36 8.00
N PRO A 375 -7.52 -18.57 9.12
CA PRO A 375 -7.10 -17.38 9.87
C PRO A 375 -6.06 -16.60 9.05
N LEU A 376 -6.17 -15.27 9.04
CA LEU A 376 -5.29 -14.44 8.21
C LEU A 376 -3.81 -14.66 8.44
N HIS A 377 -3.40 -14.97 9.67
CA HIS A 377 -1.96 -15.13 9.94
C HIS A 377 -1.34 -16.33 9.26
N THR A 378 -2.14 -17.32 8.91
CA THR A 378 -1.63 -18.47 8.15
C THR A 378 -1.44 -18.13 6.69
N LEU A 379 -1.77 -16.89 6.29
CA LEU A 379 -1.77 -16.52 4.88
C LEU A 379 -0.75 -15.45 4.54
N PHE A 380 0.06 -15.04 5.49
CA PHE A 380 1.21 -14.21 5.23
C PHE A 380 2.22 -15.02 4.43
N PHE A 381 2.80 -14.44 3.41
CA PHE A 381 3.80 -15.10 2.56
C PHE A 381 3.40 -16.51 2.18
N ASN A 382 2.12 -16.65 1.88
CA ASN A 382 1.54 -17.92 1.52
C ASN A 382 1.11 -17.87 0.07
N THR A 383 1.89 -18.53 -0.77
CA THR A 383 1.58 -18.73 -2.18
C THR A 383 1.14 -20.18 -2.38
N TRP A 384 1.49 -21.08 -1.47
CA TRP A 384 1.12 -22.48 -1.68
C TRP A 384 -0.40 -22.70 -1.71
N ARG A 385 -1.14 -21.95 -0.89
CA ARG A 385 -2.61 -22.06 -0.85
C ARG A 385 -3.25 -21.60 -2.17
N ILE A 386 -2.54 -20.80 -2.95
CA ILE A 386 -3.05 -20.41 -4.25
C ILE A 386 -2.79 -21.55 -5.23
N ILE A 387 -1.53 -21.97 -5.31
CA ILE A 387 -1.09 -22.87 -6.34
C ILE A 387 -1.56 -24.29 -6.13
N LYS A 388 -1.67 -24.71 -4.87
CA LYS A 388 -2.04 -26.08 -4.55
C LYS A 388 -3.47 -26.27 -4.04
N ASP A 389 -4.22 -25.18 -3.86
CA ASP A 389 -5.51 -25.25 -3.20
C ASP A 389 -6.59 -24.40 -3.90
N GLY A 390 -6.75 -24.59 -5.21
CA GLY A 390 -7.91 -24.08 -5.93
C GLY A 390 -7.68 -22.89 -6.86
N GLY A 391 -6.47 -22.34 -6.81
CA GLY A 391 -6.11 -21.19 -7.64
C GLY A 391 -6.73 -19.91 -7.14
N ILE A 392 -6.89 -18.97 -8.05
CA ILE A 392 -7.36 -17.61 -7.75
C ILE A 392 -8.88 -17.49 -7.59
N ASP A 393 -9.65 -18.30 -8.31
CA ASP A 393 -11.08 -18.06 -8.35
C ASP A 393 -11.76 -18.07 -6.99
N PRO A 394 -11.48 -19.08 -6.15
CA PRO A 394 -12.10 -19.10 -4.85
C PRO A 394 -11.81 -17.88 -4.01
N LEU A 395 -10.59 -17.36 -4.09
CA LEU A 395 -10.18 -16.20 -3.31
C LEU A 395 -10.83 -14.93 -3.83
N VAL A 396 -10.91 -14.78 -5.15
CA VAL A 396 -11.60 -13.64 -5.74
C VAL A 396 -13.08 -13.62 -5.34
N ARG A 397 -13.74 -14.76 -5.33
CA ARG A 397 -15.13 -14.79 -4.87
C ARG A 397 -15.25 -14.32 -3.44
N GLY A 398 -14.34 -14.76 -2.58
CA GLY A 398 -14.29 -14.26 -1.20
C GLY A 398 -14.08 -12.76 -1.15
N LEU A 399 -13.18 -12.24 -2.00
CA LEU A 399 -12.98 -10.80 -2.10
C LEU A 399 -14.27 -10.04 -2.42
N LEU A 400 -15.13 -10.66 -3.23
CA LEU A 400 -16.40 -10.03 -3.66
C LEU A 400 -17.48 -10.18 -2.59
N ALA A 401 -17.58 -11.34 -1.94
CA ALA A 401 -18.74 -11.67 -1.11
C ALA A 401 -18.52 -11.52 0.41
N LYS A 402 -17.29 -11.31 0.83
CA LYS A 402 -16.98 -11.10 2.24
C LYS A 402 -16.73 -9.64 2.46
N ASN A 403 -16.66 -9.24 3.71
CA ASN A 403 -16.64 -7.87 4.12
C ASN A 403 -15.24 -7.41 4.57
N SER A 404 -14.94 -6.13 4.39
CA SER A 404 -13.83 -5.52 5.11
C SER A 404 -14.18 -5.40 6.58
N LYS A 405 -13.17 -5.22 7.42
CA LYS A 405 -13.41 -4.89 8.82
C LYS A 405 -13.76 -3.40 8.87
N LEU A 406 -14.72 -3.04 9.71
CA LEU A 406 -14.99 -1.63 10.03
C LEU A 406 -14.01 -1.13 11.09
N MET A 407 -13.49 0.07 10.88
CA MET A 407 -12.66 0.71 11.86
C MET A 407 -13.57 0.96 13.05
N ASN A 408 -13.09 0.69 14.24
CA ASN A 408 -13.87 0.85 15.42
C ASN A 408 -12.94 1.33 16.56
N GLN A 409 -13.29 2.42 17.22
CA GLN A 409 -12.46 3.00 18.29
C GLN A 409 -12.11 1.99 19.43
N ASN A 410 -12.95 0.99 19.66
CA ASN A 410 -12.64 -0.06 20.60
C ASN A 410 -12.21 -1.41 20.02
N LYS A 411 -12.17 -1.51 18.69
CA LYS A 411 -11.64 -2.70 18.05
C LYS A 411 -10.76 -2.41 16.85
N MET A 412 -9.67 -1.67 17.11
CA MET A 412 -8.87 -1.10 16.03
C MET A 412 -8.17 -2.01 15.04
N VAL A 413 -7.25 -2.86 15.56
CA VAL A 413 -6.44 -3.73 14.64
C VAL A 413 -6.55 -5.18 15.11
N THR A 414 -6.97 -6.05 14.18
CA THR A 414 -7.11 -7.46 14.46
C THR A 414 -5.83 -8.10 15.01
N SER A 415 -6.02 -9.02 15.92
CA SER A 415 -4.90 -9.68 16.55
C SER A 415 -4.05 -10.50 15.57
N GLU A 416 -4.61 -10.83 14.43
CA GLU A 416 -3.88 -11.48 13.40
C GLU A 416 -2.71 -10.62 12.91
N LEU A 417 -2.90 -9.31 12.84
CA LEU A 417 -1.85 -8.35 12.50
C LEU A 417 -1.07 -7.81 13.70
N ARG A 418 -1.73 -7.73 14.84
CA ARG A 418 -1.20 -7.04 15.99
C ARG A 418 -0.39 -7.98 16.88
N ASN A 419 -0.64 -9.28 16.80
CA ASN A 419 0.11 -10.26 17.59
C ASN A 419 0.77 -11.38 16.77
N LYS A 420 0.27 -11.60 15.56
CA LYS A 420 0.67 -12.76 14.76
C LYS A 420 1.45 -12.46 13.47
N LEU A 421 1.79 -11.20 13.24
CA LEU A 421 2.46 -10.82 12.00
C LEU A 421 3.76 -11.60 11.78
N PHE A 422 3.98 -12.02 10.54
CA PHE A 422 5.21 -12.67 10.14
C PHE A 422 6.01 -11.67 9.33
N GLN A 423 7.28 -11.55 9.69
CA GLN A 423 8.22 -10.69 8.97
C GLN A 423 9.35 -11.54 8.41
N PRO A 424 9.67 -11.41 7.15
CA PRO A 424 10.71 -12.28 6.59
C PRO A 424 12.05 -12.16 7.34
N THR A 425 12.75 -13.23 7.69
CA THR A 425 14.04 -13.26 8.34
C THR A 425 13.85 -13.48 9.82
N HIS A 426 12.70 -13.15 10.30
CA HIS A 426 12.41 -13.42 11.68
C HIS A 426 11.53 -14.64 11.56
N LYS A 427 11.35 -15.38 12.61
CA LYS A 427 10.91 -16.73 12.31
C LYS A 427 9.50 -17.03 12.72
N VAL A 428 8.94 -16.12 13.47
CA VAL A 428 7.72 -16.38 14.20
C VAL A 428 6.55 -15.63 13.57
N HIS A 429 5.35 -16.16 13.79
CA HIS A 429 4.14 -15.40 13.55
C HIS A 429 3.85 -14.72 14.85
N GLY A 430 4.58 -13.63 15.09
CA GLY A 430 4.62 -13.04 16.43
C GLY A 430 4.87 -11.56 16.53
N PHE A 431 4.80 -10.85 15.42
CA PHE A 431 5.00 -9.39 15.39
C PHE A 431 3.68 -8.59 15.47
N ASP A 432 3.82 -7.28 15.62
CA ASP A 432 2.72 -6.39 15.90
C ASP A 432 2.80 -5.24 14.93
N LEU A 433 1.93 -5.28 13.93
CA LEU A 433 1.91 -4.24 12.93
C LEU A 433 1.61 -2.82 13.47
N ALA A 434 0.76 -2.73 14.48
CA ALA A 434 0.43 -1.42 15.04
C ALA A 434 1.64 -0.82 15.75
N ALA A 435 2.40 -1.67 16.44
CA ALA A 435 3.63 -1.22 17.14
C ALA A 435 4.70 -0.82 16.13
N ILE A 436 4.80 -1.59 15.06
CA ILE A 436 5.65 -1.24 13.96
C ILE A 436 5.27 0.13 13.43
N ASN A 437 3.98 0.37 13.19
CA ASN A 437 3.55 1.65 12.61
C ASN A 437 3.98 2.82 13.49
N LEU A 438 3.76 2.69 14.78
CA LEU A 438 4.11 3.73 15.74
C LEU A 438 5.59 3.98 15.81
N GLN A 439 6.36 2.90 15.87
CA GLN A 439 7.79 2.98 15.89
C GLN A 439 8.31 3.62 14.58
N ARG A 440 7.66 3.30 13.48
CA ARG A 440 8.05 3.85 12.20
C ARG A 440 7.71 5.35 12.08
N CYS A 441 6.53 5.73 12.59
CA CYS A 441 6.17 7.16 12.80
C CYS A 441 7.35 7.93 13.38
N ARG A 442 7.93 7.36 14.44
CA ARG A 442 9.03 7.99 15.14
C ARG A 442 10.35 7.97 14.35
N ASP A 443 10.64 6.82 13.74
CA ASP A 443 11.79 6.61 12.88
C ASP A 443 11.81 7.68 11.76
N HIS A 444 10.64 7.98 11.20
CA HIS A 444 10.54 8.97 10.14
C HIS A 444 10.45 10.41 10.59
N GLY A 445 10.52 10.64 11.90
CA GLY A 445 10.53 12.00 12.42
C GLY A 445 9.20 12.72 12.21
N MET A 446 8.09 12.03 12.43
CA MET A 446 6.77 12.64 12.16
C MET A 446 6.43 13.72 13.19
N PRO A 447 5.93 14.88 12.72
CA PRO A 447 5.27 15.76 13.68
C PRO A 447 4.05 15.07 14.35
N GLY A 448 3.75 15.51 15.56
CA GLY A 448 2.63 14.97 16.29
C GLY A 448 1.25 15.39 15.79
N TYR A 449 0.25 14.76 16.42
CA TYR A 449 -1.16 14.93 16.09
C TYR A 449 -1.60 16.39 15.95
N ASN A 450 -1.25 17.22 16.92
CA ASN A 450 -1.71 18.61 16.90
C ASN A 450 -1.05 19.44 15.79
N SER A 451 0.20 19.13 15.45
CA SER A 451 0.88 19.82 14.32
C SER A 451 0.12 19.56 13.03
N TRP A 452 -0.35 18.33 12.86
CA TRP A 452 -1.08 17.91 11.66
C TRP A 452 -2.50 18.51 11.65
N ARG A 453 -3.17 18.53 12.81
CA ARG A 453 -4.44 19.26 12.93
C ARG A 453 -4.29 20.72 12.48
N GLY A 454 -3.26 21.42 12.96
CA GLY A 454 -3.00 22.79 12.50
C GLY A 454 -2.78 22.88 11.00
N PHE A 455 -1.99 21.97 10.46
CA PHE A 455 -1.73 21.84 9.03
C PHE A 455 -3.02 21.74 8.19
N CYS A 456 -3.97 21.01 8.73
CA CYS A 456 -5.25 20.77 8.09
C CYS A 456 -6.33 21.77 8.49
N GLY A 457 -5.97 22.82 9.24
CA GLY A 457 -6.92 23.85 9.59
C GLY A 457 -7.91 23.47 10.67
N LEU A 458 -7.61 22.38 11.38
CA LEU A 458 -8.51 21.82 12.37
C LEU A 458 -8.07 22.19 13.77
N SER A 459 -9.00 22.09 14.71
CA SER A 459 -8.75 22.52 16.09
C SER A 459 -7.64 21.66 16.74
N GLN A 460 -6.88 22.27 17.63
CA GLN A 460 -5.80 21.59 18.33
C GLN A 460 -6.14 21.39 19.80
N PRO A 461 -6.73 20.25 20.14
CA PRO A 461 -7.07 20.04 21.55
C PRO A 461 -5.84 20.04 22.45
N LYS A 462 -5.93 20.70 23.60
CA LYS A 462 -4.82 20.67 24.57
C LYS A 462 -5.18 19.99 25.87
N THR A 463 -6.45 19.63 26.04
CA THR A 463 -6.94 19.09 27.29
C THR A 463 -7.64 17.76 27.05
N LEU A 464 -7.88 17.06 28.16
CA LEU A 464 -8.67 15.86 28.09
C LEU A 464 -10.04 16.16 27.51
N LYS A 465 -10.72 17.16 28.07
CA LYS A 465 -12.06 17.50 27.59
C LYS A 465 -12.08 17.85 26.10
N GLY A 466 -11.13 18.67 25.66
CA GLY A 466 -11.01 18.97 24.23
C GLY A 466 -10.81 17.73 23.37
N LEU A 467 -9.98 16.80 23.81
CA LEU A 467 -9.70 15.57 23.07
C LEU A 467 -10.90 14.65 22.99
N GLN A 468 -11.64 14.57 24.09
CA GLN A 468 -12.90 13.84 24.13
C GLN A 468 -13.85 14.32 23.04
N ALA A 469 -13.96 15.64 22.88
CA ALA A 469 -14.87 16.21 21.92
C ALA A 469 -14.44 15.92 20.49
N VAL A 470 -13.13 16.03 20.20
CA VAL A 470 -12.62 15.71 18.86
C VAL A 470 -12.83 14.21 18.54
N LEU A 471 -12.47 13.33 19.45
CA LEU A 471 -12.65 11.90 19.30
C LEU A 471 -14.09 11.41 19.46
N LYS A 472 -14.92 12.24 20.08
CA LYS A 472 -16.27 11.88 20.44
C LYS A 472 -16.29 10.61 21.23
N ASN A 473 -15.39 10.54 22.15
CA ASN A 473 -15.15 9.34 22.92
C ASN A 473 -14.34 9.71 24.15
N LYS A 474 -14.96 9.66 25.31
CA LYS A 474 -14.29 9.97 26.57
C LYS A 474 -13.26 8.92 27.00
N VAL A 475 -13.64 7.66 26.87
CA VAL A 475 -12.78 6.57 27.32
C VAL A 475 -11.50 6.45 26.51
N LEU A 476 -11.61 6.54 25.18
CA LEU A 476 -10.47 6.55 24.28
C LEU A 476 -9.57 7.73 24.58
N ALA A 477 -10.14 8.93 24.66
CA ALA A 477 -9.33 10.12 24.91
C ALA A 477 -8.52 9.95 26.20
N LYS A 478 -9.17 9.42 27.22
CA LYS A 478 -8.56 9.22 28.51
C LYS A 478 -7.43 8.17 28.47
N LYS A 479 -7.62 7.06 27.77
CA LYS A 479 -6.56 6.07 27.56
C LYS A 479 -5.36 6.68 26.84
N LEU A 480 -5.63 7.49 25.82
CA LEU A 480 -4.57 8.10 25.03
C LEU A 480 -3.76 9.09 25.86
N LEU A 481 -4.42 9.91 26.63
CA LEU A 481 -3.71 10.86 27.47
C LEU A 481 -3.00 10.25 28.64
N ASP A 482 -3.54 9.15 29.15
CA ASP A 482 -2.82 8.42 30.18
C ASP A 482 -1.48 7.96 29.62
N LEU A 483 -1.44 7.61 28.34
CA LEU A 483 -0.19 7.19 27.70
C LEU A 483 0.67 8.34 27.20
N TYR A 484 0.06 9.28 26.49
CA TYR A 484 0.75 10.37 25.85
C TYR A 484 0.85 11.69 26.64
N LYS A 485 -0.01 11.91 27.62
CA LYS A 485 0.06 13.10 28.50
C LYS A 485 -0.20 14.47 27.92
N THR A 486 -0.21 14.59 26.61
CA THR A 486 -0.60 15.83 25.96
C THR A 486 -0.98 15.37 24.59
N PRO A 487 -2.07 15.90 24.03
CA PRO A 487 -2.38 15.53 22.66
C PRO A 487 -1.28 15.91 21.67
N ASP A 488 -0.42 16.88 22.05
CA ASP A 488 0.71 17.29 21.20
C ASP A 488 1.65 16.14 20.87
N ASN A 489 1.69 15.13 21.75
CA ASN A 489 2.60 14.01 21.63
C ASN A 489 2.01 12.79 20.99
N ILE A 490 0.74 12.81 20.64
CA ILE A 490 0.13 11.64 20.05
C ILE A 490 0.68 11.42 18.64
N ASP A 491 1.10 10.18 18.37
CA ASP A 491 1.70 9.79 17.11
C ASP A 491 0.58 9.86 16.04
N ILE A 492 0.94 10.37 14.89
CA ILE A 492 -0.03 10.69 13.85
C ILE A 492 -0.79 9.45 13.41
N TRP A 493 -0.15 8.30 13.39
CA TRP A 493 -0.87 7.11 12.93
C TRP A 493 -2.09 6.84 13.84
N ILE A 494 -1.88 6.95 15.13
CA ILE A 494 -2.92 6.57 16.05
C ILE A 494 -3.89 7.74 16.23
N GLY A 495 -3.39 8.95 16.19
CA GLY A 495 -4.24 10.14 16.37
C GLY A 495 -5.24 10.23 15.22
N GLY A 496 -4.73 10.16 14.00
CA GLY A 496 -5.56 10.21 12.80
C GLY A 496 -6.61 9.11 12.75
N ASN A 497 -6.22 7.91 13.11
CA ASN A 497 -7.14 6.78 13.05
C ASN A 497 -8.17 6.75 14.17
N ALA A 498 -7.91 7.44 15.26
CA ALA A 498 -8.79 7.45 16.40
C ALA A 498 -10.00 8.38 16.20
N GLU A 499 -9.94 9.23 15.18
CA GLU A 499 -10.98 10.20 14.92
C GLU A 499 -12.21 9.49 14.31
N PRO A 500 -13.43 9.88 14.72
CA PRO A 500 -14.62 9.30 14.10
C PRO A 500 -14.68 9.62 12.61
N MET A 501 -15.16 8.69 11.82
CA MET A 501 -15.17 8.84 10.36
C MET A 501 -16.12 9.93 9.87
N VAL A 502 -15.75 10.54 8.75
CA VAL A 502 -16.62 11.49 8.08
C VAL A 502 -17.81 10.79 7.41
N GLU A 503 -18.86 11.56 7.16
CA GLU A 503 -20.08 11.03 6.55
C GLU A 503 -19.74 10.44 5.19
N ARG A 504 -20.21 9.21 4.97
CA ARG A 504 -20.08 8.49 3.71
C ARG A 504 -18.65 8.09 3.39
N GLY A 505 -17.79 8.16 4.41
CA GLY A 505 -16.39 7.86 4.28
C GLY A 505 -15.98 6.83 5.30
N ARG A 506 -14.68 6.56 5.34
CA ARG A 506 -14.11 5.53 6.21
C ARG A 506 -12.86 6.03 6.92
N VAL A 507 -12.58 7.33 6.83
CA VAL A 507 -11.56 7.99 7.63
C VAL A 507 -12.11 9.28 8.21
N GLY A 508 -11.45 9.77 9.28
CA GLY A 508 -11.80 11.00 9.93
C GLY A 508 -11.34 12.23 9.18
N PRO A 509 -11.62 13.43 9.73
CA PRO A 509 -11.35 14.74 9.11
C PRO A 509 -9.86 15.02 8.84
N LEU A 510 -9.00 14.67 9.79
CA LEU A 510 -7.55 14.85 9.63
C LEU A 510 -7.01 13.98 8.50
N LEU A 511 -7.29 12.68 8.55
CA LEU A 511 -6.82 11.80 7.50
C LEU A 511 -7.40 12.15 6.14
N ALA A 512 -8.67 12.57 6.11
CA ALA A 512 -9.32 12.94 4.86
C ALA A 512 -8.58 14.10 4.22
N CYS A 513 -8.13 15.05 5.05
CA CYS A 513 -7.35 16.20 4.56
C CYS A 513 -5.98 15.74 4.03
N LEU A 514 -5.27 14.92 4.80
CA LEU A 514 -3.96 14.46 4.39
C LEU A 514 -4.01 13.61 3.12
N LEU A 515 -4.94 12.66 3.10
CA LEU A 515 -5.10 11.76 1.97
C LEU A 515 -5.57 12.57 0.78
N GLY A 516 -6.57 13.39 1.04
CA GLY A 516 -7.18 14.27 0.04
C GLY A 516 -6.19 15.14 -0.68
N ARG A 517 -5.34 15.79 0.07
CA ARG A 517 -4.30 16.64 -0.53
C ARG A 517 -3.34 15.82 -1.40
N GLN A 518 -2.91 14.67 -0.88
CA GLN A 518 -1.94 13.85 -1.60
C GLN A 518 -2.48 13.32 -2.91
N PHE A 519 -3.69 12.78 -2.87
CA PHE A 519 -4.35 12.30 -4.07
C PHE A 519 -4.66 13.44 -5.07
N GLN A 520 -5.05 14.60 -4.59
CA GLN A 520 -5.20 15.75 -5.50
C GLN A 520 -3.87 15.99 -6.21
N GLN A 521 -2.77 15.92 -5.49
CA GLN A 521 -1.44 16.21 -6.05
C GLN A 521 -0.94 15.17 -7.07
N ILE A 522 -1.13 13.88 -6.80
CA ILE A 522 -0.62 12.88 -7.74
C ILE A 522 -1.45 12.85 -9.02
N ARG A 523 -2.67 13.39 -8.96
CA ARG A 523 -3.48 13.52 -10.17
C ARG A 523 -3.08 14.79 -10.95
N ASP A 524 -3.15 15.93 -10.30
CA ASP A 524 -2.93 17.21 -10.97
C ASP A 524 -1.46 17.41 -11.37
N GLY A 525 -0.56 16.70 -10.70
CA GLY A 525 0.87 16.82 -10.94
C GLY A 525 1.44 15.72 -11.83
N ASP A 526 0.57 14.94 -12.49
CA ASP A 526 0.95 13.82 -13.38
C ASP A 526 0.73 14.17 -14.85
N ARG A 527 1.83 14.37 -15.60
CA ARG A 527 1.77 14.68 -17.02
C ARG A 527 1.12 13.57 -17.83
N PHE A 528 1.09 12.35 -17.30
CA PHE A 528 0.52 11.22 -18.01
C PHE A 528 -0.80 10.74 -17.40
N TRP A 529 -1.42 11.57 -16.56
CA TRP A 529 -2.73 11.28 -16.04
C TRP A 529 -3.62 10.94 -17.22
N TRP A 530 -4.46 9.92 -17.07
CA TRP A 530 -5.23 9.40 -18.21
C TRP A 530 -6.16 10.43 -18.85
N GLU A 531 -6.63 11.39 -18.09
CA GLU A 531 -7.62 12.34 -18.60
C GLU A 531 -6.99 13.61 -19.15
N ASN A 532 -5.66 13.74 -19.02
CA ASN A 532 -4.93 14.86 -19.59
C ASN A 532 -4.97 14.83 -21.12
N PRO A 533 -5.46 15.91 -21.74
CA PRO A 533 -5.50 15.92 -23.20
C PRO A 533 -4.13 15.62 -23.80
N GLY A 534 -4.11 14.73 -24.80
CA GLY A 534 -2.87 14.28 -25.43
C GLY A 534 -2.48 12.87 -25.03
N VAL A 535 -2.87 12.45 -23.83
CA VAL A 535 -2.46 11.16 -23.31
C VAL A 535 -3.24 10.04 -24.00
N PHE A 536 -4.57 10.10 -23.93
CA PHE A 536 -5.41 9.19 -24.68
C PHE A 536 -6.31 10.01 -25.62
N THR A 537 -6.64 9.47 -26.78
CA THR A 537 -7.60 10.11 -27.67
C THR A 537 -8.94 10.20 -26.95
N GLU A 538 -9.83 11.05 -27.45
CA GLU A 538 -11.18 11.16 -26.88
C GLU A 538 -11.92 9.82 -26.94
N LYS A 539 -11.71 9.07 -28.03
CA LYS A 539 -12.36 7.78 -28.24
C LYS A 539 -11.85 6.75 -27.25
N GLN A 540 -10.53 6.75 -27.04
CA GLN A 540 -9.90 5.86 -26.07
C GLN A 540 -10.41 6.13 -24.67
N ARG A 541 -10.68 7.40 -24.37
CA ARG A 541 -11.21 7.82 -23.07
C ARG A 541 -12.65 7.38 -22.83
N ASP A 542 -13.49 7.49 -23.86
CA ASP A 542 -14.88 7.03 -23.75
C ASP A 542 -14.92 5.53 -23.47
N SER A 543 -14.00 4.77 -24.05
CA SER A 543 -13.83 3.34 -23.75
C SER A 543 -13.28 3.08 -22.34
N LEU A 544 -12.28 3.85 -21.93
CA LEU A 544 -11.69 3.67 -20.60
C LEU A 544 -12.68 4.00 -19.48
N GLN A 545 -13.62 4.91 -19.75
CA GLN A 545 -14.62 5.33 -18.76
C GLN A 545 -15.50 4.18 -18.26
N LYS A 546 -15.53 3.08 -18.97
CA LYS A 546 -16.38 1.99 -18.55
C LYS A 546 -15.64 0.85 -17.87
N VAL A 547 -14.37 1.02 -17.59
CA VAL A 547 -13.62 0.00 -16.84
C VAL A 547 -14.27 -0.22 -15.50
N SER A 548 -14.11 -1.43 -14.96
CA SER A 548 -14.56 -1.76 -13.60
C SER A 548 -13.74 -2.91 -13.08
N PHE A 549 -13.68 -3.05 -11.76
CA PHE A 549 -12.99 -4.18 -11.18
C PHE A 549 -13.73 -5.47 -11.52
N SER A 550 -15.06 -5.39 -11.63
CA SER A 550 -15.87 -6.56 -11.97
C SER A 550 -15.49 -7.09 -13.35
N ARG A 551 -15.28 -6.18 -14.29
CA ARG A 551 -14.80 -6.56 -15.62
C ARG A 551 -13.39 -7.19 -15.56
N LEU A 552 -12.50 -6.62 -14.73
CA LEU A 552 -11.16 -7.21 -14.50
C LEU A 552 -11.31 -8.67 -14.07
N ILE A 553 -12.18 -8.91 -13.10
CA ILE A 553 -12.48 -10.27 -12.66
C ILE A 553 -12.94 -11.12 -13.85
N CYS A 554 -13.98 -10.65 -14.52
CA CYS A 554 -14.62 -11.44 -15.59
C CYS A 554 -13.62 -11.86 -16.68
N ASP A 555 -12.73 -10.94 -17.07
CA ASP A 555 -11.80 -11.18 -18.17
C ASP A 555 -10.62 -12.08 -17.82
N ASN A 556 -10.27 -12.09 -16.55
CA ASN A 556 -9.07 -12.75 -16.11
C ASN A 556 -9.19 -13.92 -15.15
N THR A 557 -10.38 -14.45 -15.01
CA THR A 557 -10.67 -15.59 -14.14
C THR A 557 -11.81 -16.37 -14.76
N HIS A 558 -12.21 -17.45 -14.12
CA HIS A 558 -13.40 -18.17 -14.55
C HIS A 558 -14.56 -17.92 -13.59
N ILE A 559 -14.52 -16.76 -12.94
CA ILE A 559 -15.66 -16.27 -12.18
C ILE A 559 -16.61 -15.64 -13.17
N THR A 560 -17.84 -16.13 -13.20
CA THR A 560 -18.83 -15.64 -14.15
C THR A 560 -20.00 -14.88 -13.54
N LYS A 561 -20.07 -14.79 -12.21
CA LYS A 561 -21.08 -13.99 -11.53
C LYS A 561 -20.41 -12.96 -10.63
N VAL A 562 -20.68 -11.69 -10.90
CA VAL A 562 -20.03 -10.57 -10.23
C VAL A 562 -21.04 -9.47 -9.89
N PRO A 563 -20.70 -8.60 -8.93
CA PRO A 563 -21.55 -7.44 -8.68
C PRO A 563 -21.24 -6.29 -9.63
N LEU A 564 -22.19 -5.38 -9.80
CA LEU A 564 -21.95 -4.15 -10.58
C LEU A 564 -20.99 -3.20 -9.84
N HIS A 565 -21.21 -3.04 -8.56
CA HIS A 565 -20.37 -2.18 -7.73
C HIS A 565 -19.63 -3.06 -6.73
N ALA A 566 -18.35 -3.39 -6.99
CA ALA A 566 -17.62 -4.42 -6.22
C ALA A 566 -17.03 -3.96 -4.89
N PHE A 567 -17.04 -2.65 -4.63
CA PHE A 567 -16.52 -2.13 -3.36
C PHE A 567 -17.56 -2.09 -2.27
N GLN A 568 -18.84 -2.13 -2.62
CA GLN A 568 -19.84 -2.10 -1.55
C GLN A 568 -20.03 -3.56 -1.08
N ALA A 569 -20.71 -3.75 0.03
CA ALA A 569 -21.02 -5.09 0.48
C ALA A 569 -22.06 -5.66 -0.49
N ASN A 570 -21.75 -6.83 -1.06
CA ASN A 570 -22.62 -7.50 -2.01
C ASN A 570 -22.84 -8.93 -1.55
N ASN A 571 -24.10 -9.36 -1.58
CA ASN A 571 -24.47 -10.73 -1.21
C ASN A 571 -25.00 -11.51 -2.40
N TYR A 572 -24.67 -12.80 -2.42
CA TYR A 572 -25.06 -13.70 -3.50
C TYR A 572 -26.31 -14.46 -3.09
N PRO A 573 -27.24 -14.69 -4.04
CA PRO A 573 -27.21 -14.26 -5.45
C PRO A 573 -27.76 -12.87 -5.71
N HIS A 574 -28.41 -12.26 -4.72
CA HIS A 574 -29.25 -11.08 -4.98
C HIS A 574 -28.48 -9.92 -5.61
N ASP A 575 -27.23 -9.72 -5.20
CA ASP A 575 -26.44 -8.58 -5.68
C ASP A 575 -25.50 -8.92 -6.82
N PHE A 576 -25.56 -10.14 -7.36
CA PHE A 576 -24.63 -10.57 -8.41
C PHE A 576 -25.33 -10.78 -9.76
N VAL A 577 -24.63 -10.43 -10.83
CA VAL A 577 -25.14 -10.55 -12.20
C VAL A 577 -24.16 -11.35 -13.03
N ASP A 578 -24.60 -11.85 -14.17
CA ASP A 578 -23.68 -12.49 -15.09
C ASP A 578 -22.73 -11.46 -15.70
N CYS A 579 -21.53 -11.91 -16.06
CA CYS A 579 -20.49 -11.04 -16.63
C CYS A 579 -20.94 -10.35 -17.91
N SER A 580 -21.89 -10.95 -18.61
CA SER A 580 -22.47 -10.32 -19.79
C SER A 580 -23.20 -9.00 -19.51
N ALA A 581 -23.66 -8.80 -18.28
CA ALA A 581 -24.30 -7.54 -17.89
C ALA A 581 -23.29 -6.43 -17.48
N VAL A 582 -22.01 -6.78 -17.45
CA VAL A 582 -20.95 -5.84 -17.09
C VAL A 582 -20.28 -5.30 -18.35
N ASP A 583 -20.15 -3.97 -18.45
CA ASP A 583 -19.51 -3.32 -19.60
C ASP A 583 -18.12 -3.87 -19.89
N LYS A 584 -17.81 -4.02 -21.18
CA LYS A 584 -16.49 -4.40 -21.64
C LYS A 584 -15.63 -3.17 -21.88
N LEU A 585 -14.31 -3.38 -21.93
CA LEU A 585 -13.37 -2.36 -22.36
C LEU A 585 -13.23 -2.44 -23.89
N ASP A 586 -13.80 -1.48 -24.60
CA ASP A 586 -13.75 -1.46 -26.05
C ASP A 586 -12.38 -0.99 -26.52
N LEU A 587 -11.58 -1.91 -27.03
CA LEU A 587 -10.21 -1.60 -27.46
C LEU A 587 -10.08 -1.33 -28.96
N SER A 588 -11.20 -1.16 -29.66
CA SER A 588 -11.14 -0.80 -31.08
C SER A 588 -10.46 0.56 -31.31
N PRO A 589 -10.66 1.53 -30.39
CA PRO A 589 -9.94 2.79 -30.54
C PRO A 589 -8.40 2.69 -30.50
N TRP A 590 -7.85 1.55 -30.08
CA TRP A 590 -6.40 1.32 -30.16
C TRP A 590 -5.94 0.75 -31.50
N ALA A 591 -6.90 0.49 -32.40
CA ALA A 591 -6.58 0.07 -33.77
C ALA A 591 -5.91 1.22 -34.52
N SER A 592 -4.62 1.06 -34.83
CA SER A 592 -3.86 2.08 -35.53
C SER A 592 -3.70 1.68 -36.99
N ARG A 593 -4.30 2.51 -37.84
CA ARG A 593 -4.16 2.48 -39.28
C ARG A 593 -2.76 2.93 -39.64
N GLU A 594 -2.36 2.67 -40.86
CA GLU A 594 -1.06 3.11 -41.36
C GLU A 594 -1.27 3.54 -42.82
N ASN A 595 -0.25 3.46 -43.66
CA ASN A 595 -0.37 3.80 -45.09
C ASN A 595 -0.92 5.22 -45.30
CHA HEM B . 3.18 -0.88 5.46
CHB HEM B . 1.51 -5.31 6.32
CHC HEM B . -2.77 -3.97 4.51
CHD HEM B . -1.08 0.41 3.72
C1A HEM B . 3.08 -2.16 5.90
C2A HEM B . 4.15 -2.87 6.45
C3A HEM B . 3.69 -4.14 6.70
C4A HEM B . 2.33 -4.19 6.29
CMA HEM B . 4.48 -5.25 7.33
CAA HEM B . 5.53 -2.31 6.74
CBA HEM B . 5.50 -1.73 8.15
CGA HEM B . 6.80 -1.03 8.50
O1A HEM B . 7.86 -1.72 8.63
O2A HEM B . 6.82 0.22 8.68
C1B HEM B . 0.19 -5.34 5.84
C2B HEM B . -0.65 -6.50 5.84
C3B HEM B . -1.87 -6.15 5.31
C4B HEM B . -1.74 -4.71 5.02
CMB HEM B . -0.26 -7.88 6.34
CAB HEM B . -3.16 -6.89 5.08
CBB HEM B . -3.40 -8.12 5.48
C1C HEM B . -2.73 -2.63 4.17
C2C HEM B . -3.81 -1.89 3.73
C3C HEM B . -3.34 -0.63 3.44
C4C HEM B . -1.95 -0.63 3.80
CMC HEM B . -5.21 -2.47 3.55
CAC HEM B . -4.04 0.58 2.95
CBC HEM B . -5.30 0.60 2.58
C1D HEM B . 0.25 0.37 4.10
C2D HEM B . 1.15 1.52 3.89
C3D HEM B . 2.35 1.18 4.37
C4D HEM B . 2.14 -0.22 4.87
CMD HEM B . 0.80 2.86 3.30
CAD HEM B . 3.61 2.00 4.37
CBD HEM B . 4.32 1.78 2.97
CGD HEM B . 5.66 2.52 2.79
O1D HEM B . 5.75 3.69 2.28
O2D HEM B . 6.74 1.96 3.10
NA HEM B . 1.96 -2.95 5.82
NB HEM B . -0.52 -4.32 5.41
NC HEM B . -1.64 -1.87 4.25
ND HEM B . 0.89 -0.63 4.73
FE HEM B . 0.19 -2.40 5.08
CA CA C . 3.83 4.29 -8.77
C1 NAG D . -23.49 1.91 0.23
C2 NAG D . -24.78 2.71 0.09
C3 NAG D . -24.90 3.30 -1.31
C4 NAG D . -23.59 4.01 -1.68
C5 NAG D . -22.44 3.00 -1.58
C6 NAG D . -21.08 3.53 -2.02
C7 NAG D . -26.17 1.33 1.55
C8 NAG D . -27.15 0.20 1.62
N2 NAG D . -25.75 1.65 0.30
O1 NAG D . -23.29 1.62 1.62
O3 NAG D . -25.99 4.22 -1.36
O4 NAG D . -23.71 4.58 -2.98
O5 NAG D . -22.30 2.57 -0.23
O6 NAG D . -20.19 2.41 -2.04
O7 NAG D . -25.79 1.94 2.55
C1 NAG E . 7.38 -16.33 -23.18
C2 NAG E . 6.99 -17.41 -22.23
C3 NAG E . 6.87 -18.74 -22.96
C4 NAG E . 5.94 -18.58 -24.17
C5 NAG E . 6.48 -17.44 -25.05
C6 NAG E . 5.76 -17.21 -26.38
C7 NAG E . 7.96 -16.97 -20.04
C8 NAG E . 9.16 -17.11 -19.15
N2 NAG E . 8.08 -17.47 -21.27
O1 NAG E . 7.42 -15.16 -22.37
O3 NAG E . 6.35 -19.70 -22.04
O4 NAG E . 5.84 -19.85 -24.87
O5 NAG E . 6.43 -16.23 -24.26
O6 NAG E . 4.37 -16.96 -26.20
O7 NAG E . 6.93 -16.42 -19.66
C1 NAG F . 2.08 -27.81 3.77
C2 NAG F . 0.85 -27.82 4.63
C3 NAG F . 0.17 -29.16 4.45
C4 NAG F . -0.03 -29.43 2.95
C5 NAG F . 1.28 -29.29 2.20
C6 NAG F . 1.22 -29.64 0.73
C7 NAG F . 1.37 -26.52 6.67
C8 NAG F . 1.99 -26.59 8.03
N2 NAG F . 1.39 -27.68 5.97
O1 NAG F . 2.67 -26.56 4.04
O3 NAG F . -1.08 -29.12 5.13
O4 NAG F . -0.55 -30.74 2.74
O5 NAG F . 1.72 -27.94 2.40
O6 NAG F . 0.83 -28.50 -0.04
O7 NAG F . 0.91 -25.47 6.24
C1 NAG G . -1.40 26.24 -10.50
C2 NAG G . -2.76 26.79 -10.11
C3 NAG G . -2.49 27.89 -9.10
C4 NAG G . -1.31 27.56 -8.15
C5 NAG G . -0.60 26.18 -8.26
C6 NAG G . -0.81 25.31 -7.02
C7 NAG G . -4.05 26.63 -12.21
C8 NAG G . -4.68 27.37 -13.34
N2 NAG G . -3.42 27.37 -11.27
O1 NAG G . -1.46 25.44 -11.68
O3 NAG G . -3.68 28.17 -8.35
O4 NAG G . -0.29 28.55 -8.40
O5 NAG G . -0.99 25.43 -9.42
O6 NAG G . 0.42 25.24 -6.28
O7 NAG G . -4.11 25.41 -12.15
I IOD H . 5.75 15.10 6.06
I IOD I . 0.68 -3.35 28.26
I IOD J . -21.36 4.54 3.02
I IOD K . -11.19 9.36 -12.73
I IOD L . -18.75 -18.00 -10.35
I IOD M . -18.00 0.19 -6.39
I IOD N . 4.58 -25.32 -7.97
I IOD O . -3.64 -15.82 -18.47
I IOD P . -16.45 -19.31 4.40
I IOD Q . 12.54 -16.01 5.29
I IOD R . -9.01 22.46 24.32
I IOD S . 8.85 -19.71 -12.83
I IOD T . -10.99 -20.17 10.45
I IOD U . -12.85 2.91 23.54
I IOD V . 18.60 -0.68 -11.65
S SCN W . 9.31 -12.05 -1.01
C SCN W . 9.49 -11.31 0.27
N SCN W . 9.66 -10.74 1.27
C1 PEG X . -1.57 -8.82 23.47
O1 PEG X . -1.11 -7.82 24.39
C2 PEG X . -1.46 -10.23 24.01
O2 PEG X . -0.45 -10.92 23.33
C3 PEG X . -0.77 -12.29 23.25
C4 PEG X . 0.45 -13.09 22.87
O4 PEG X . 0.92 -12.83 21.57
C1 PEG Y . 10.97 21.03 5.59
O1 PEG Y . 11.81 19.87 5.54
C2 PEG Y . 9.59 20.76 4.98
O2 PEG Y . 8.62 21.60 5.56
C3 PEG Y . 8.96 23.01 5.49
C4 PEG Y . 7.79 23.73 4.90
O4 PEG Y . 6.62 23.36 5.64
C1 EDO Z . 0.78 -20.52 12.92
O1 EDO Z . 0.80 -19.50 13.94
C2 EDO Z . 1.43 -20.00 11.65
O2 EDO Z . 0.82 -20.57 10.50
C1 EDO AA . 12.94 15.33 -5.64
O1 EDO AA . 12.48 14.17 -6.33
C2 EDO AA . 13.96 16.09 -6.45
O2 EDO AA . 13.37 17.29 -6.95
C4 3HY BA . 5.64 -6.31 4.75
C5 3HY BA . 6.62 -7.12 5.16
C6 3HY BA . 7.42 -7.72 4.26
C7 3HY BA . 7.21 -7.53 2.92
C8 3HY BA . 6.19 -6.68 2.56
C2 3HY BA . 4.30 -5.10 3.19
O1 3HY BA . 3.08 -5.52 2.85
C3 3HY BA . 5.38 -6.07 3.49
O2 3HY BA . 8.04 -8.13 2.02
#